data_2A0P
# 
_entry.id   2A0P 
# 
_audit_conform.dict_name       mmcif_pdbx.dic 
_audit_conform.dict_version    5.376 
_audit_conform.dict_location   http://mmcif.pdb.org/dictionaries/ascii/mmcif_pdbx.dic 
# 
loop_
_database_2.database_id 
_database_2.database_code 
_database_2.pdbx_database_accession 
_database_2.pdbx_DOI 
PDB   2A0P         pdb_00002a0p 10.2210/pdb2a0p/pdb 
NDB   AR0063       ?            ?                   
RCSB  RCSB033345   ?            ?                   
WWPDB D_1000033345 ?            ?                   
# 
_pdbx_database_status.entry_id                        2A0P 
_pdbx_database_status.status_code                     REL 
_pdbx_database_status.recvd_initial_deposition_date   2005-06-16 
_pdbx_database_status.deposit_site                    RCSB 
_pdbx_database_status.process_site                    RCSB 
_pdbx_database_status.status_code_sf                  REL 
_pdbx_database_status.SG_entry                        N 
_pdbx_database_status.status_code_mr                  ? 
_pdbx_database_status.pdb_format_compatible           Y 
_pdbx_database_status.status_code_cs                  ? 
_pdbx_database_status.status_code_nmr_data            ? 
_pdbx_database_status.methods_development_category    ? 
# 
loop_
_audit_author.name 
_audit_author.pdbx_ordinal 
'Haeberli, P.' 1 
'Berger, I.'   2 
'Pallan, P.S.' 3 
'Egli, M.'     4 
# 
_citation.id                        primary 
_citation.title                     
;Syntheses of 4'-thioribonucleosides and thermodynamic stability and crystal structure of RNA oligomers with incorporated 4'-thiocytosine
;
_citation.journal_abbrev            'Nucleic Acids Res.' 
_citation.journal_volume            33 
_citation.page_first                3965 
_citation.page_last                 3975 
_citation.year                      2005 
_citation.journal_id_ASTM           NARHAD 
_citation.country                   UK 
_citation.journal_id_ISSN           0305-1048 
_citation.journal_id_CSD            0389 
_citation.book_publisher            ? 
_citation.pdbx_database_id_PubMed   16027443 
_citation.pdbx_database_id_DOI      10.1093/nar/gki704 
# 
loop_
_citation_author.citation_id 
_citation_author.name 
_citation_author.ordinal 
_citation_author.identifier_ORCID 
primary 'Haeberli, P.' 1 ? 
primary 'Berger, I.'   2 ? 
primary 'Pallan, P.S.' 3 ? 
primary 'Egli, M.'     4 ? 
# 
_cell.entry_id           2A0P 
_cell.length_a           42.440 
_cell.length_b           42.440 
_cell.length_c           127.660 
_cell.angle_alpha        90.00 
_cell.angle_beta         90.00 
_cell.angle_gamma        120.00 
_cell.Z_PDB              36 
_cell.pdbx_unique_axis   ? 
# 
_symmetry.entry_id                         2A0P 
_symmetry.space_group_name_H-M             'H 3 2' 
_symmetry.cell_setting                     rhombohedral 
_symmetry.pdbx_full_space_group_name_H-M   ? 
_symmetry.Int_Tables_number                155 
_symmetry.space_group_name_Hall            ? 
# 
loop_
_entity.id 
_entity.type 
_entity.src_method 
_entity.pdbx_description 
_entity.formula_weight 
_entity.pdbx_number_of_molecules 
_entity.pdbx_ec 
_entity.pdbx_mutation 
_entity.pdbx_fragment 
_entity.details 
1 polymer syn "5'-R(*CP*CP*(S4C)P*CP*GP*GP*GP*G)-3'" 2572.658 2  ? ? ? ? 
2 water   nat water                                  18.015   69 ? ? ? ? 
# 
_entity_poly.entity_id                      1 
_entity_poly.type                           polyribonucleotide 
_entity_poly.nstd_linkage                   no 
_entity_poly.nstd_monomer                   yes 
_entity_poly.pdbx_seq_one_letter_code       'CC(S4C)CGGGG' 
_entity_poly.pdbx_seq_one_letter_code_can   CCCCGGGG 
_entity_poly.pdbx_strand_id                 A,B 
_entity_poly.pdbx_target_identifier         ? 
# 
loop_
_entity_poly_seq.entity_id 
_entity_poly_seq.num 
_entity_poly_seq.mon_id 
_entity_poly_seq.hetero 
1 1 C   n 
1 2 C   n 
1 3 S4C n 
1 4 C   n 
1 5 G   n 
1 6 G   n 
1 7 G   n 
1 8 G   n 
# 
_pdbx_entity_src_syn.entity_id              1 
_pdbx_entity_src_syn.pdbx_src_id            1 
_pdbx_entity_src_syn.pdbx_alt_source_flag   sample 
_pdbx_entity_src_syn.pdbx_beg_seq_num       ? 
_pdbx_entity_src_syn.pdbx_end_seq_num       ? 
_pdbx_entity_src_syn.organism_scientific    ? 
_pdbx_entity_src_syn.organism_common_name   ? 
_pdbx_entity_src_syn.ncbi_taxonomy_id       ? 
_pdbx_entity_src_syn.details                'synthesis route see publication' 
# 
_struct_ref.id                         1 
_struct_ref.entity_id                  1 
_struct_ref.db_name                    PDB 
_struct_ref.db_code                    2A0P 
_struct_ref.pdbx_db_accession          2A0P 
_struct_ref.pdbx_db_isoform            ? 
_struct_ref.pdbx_seq_one_letter_code   ? 
_struct_ref.pdbx_align_begin           ? 
# 
loop_
_struct_ref_seq.align_id 
_struct_ref_seq.ref_id 
_struct_ref_seq.pdbx_PDB_id_code 
_struct_ref_seq.pdbx_strand_id 
_struct_ref_seq.seq_align_beg 
_struct_ref_seq.pdbx_seq_align_beg_ins_code 
_struct_ref_seq.seq_align_end 
_struct_ref_seq.pdbx_seq_align_end_ins_code 
_struct_ref_seq.pdbx_db_accession 
_struct_ref_seq.db_align_beg 
_struct_ref_seq.pdbx_db_align_beg_ins_code 
_struct_ref_seq.db_align_end 
_struct_ref_seq.pdbx_db_align_end_ins_code 
_struct_ref_seq.pdbx_auth_seq_align_beg 
_struct_ref_seq.pdbx_auth_seq_align_end 
1 1 2A0P A 1 ? 8 ? 2A0P 1 ? 8  ? 1 8  
2 1 2A0P B 1 ? 8 ? 2A0P 9 ? 16 ? 9 16 
# 
loop_
_chem_comp.id 
_chem_comp.type 
_chem_comp.mon_nstd_flag 
_chem_comp.name 
_chem_comp.pdbx_synonyms 
_chem_comp.formula 
_chem_comp.formula_weight 
C   'RNA linking' y "CYTIDINE-5'-MONOPHOSPHATE"                  ? 'C9 H14 N3 O8 P'   323.197 
G   'RNA linking' y "GUANOSINE-5'-MONOPHOSPHATE"                 ? 'C10 H14 N5 O8 P'  363.221 
HOH non-polymer   . WATER                                        ? 'H2 O'             18.015  
S4C 'RNA linking' n "4'-THIO-4'-DEOXY-CYTOSINE-5'-MONOPHOSPHATE" ? 'C9 H14 N3 O7 P S' 339.262 
# 
_exptl.entry_id          2A0P 
_exptl.method            'X-RAY DIFFRACTION' 
_exptl.crystals_number   1 
# 
_exptl_crystal.id                    1 
_exptl_crystal.density_Matthews      2.15 
_exptl_crystal.density_percent_sol   42.79 
_exptl_crystal.density_meas          ? 
_exptl_crystal.description           ? 
_exptl_crystal.F_000                 ? 
_exptl_crystal.preparation           ? 
# 
_exptl_crystal_grow.crystal_id      1 
_exptl_crystal_grow.method          'VAPOR DIFFUSION, HANGING DROP' 
_exptl_crystal_grow.temp            298 
_exptl_crystal_grow.pH              7.5 
_exptl_crystal_grow.pdbx_details    'Cond 39 Hampton Screen I, pH 7.5, VAPOR DIFFUSION, HANGING DROP, temperature 298K' 
_exptl_crystal_grow.temp_details    ? 
_exptl_crystal_grow.pdbx_pH_range   . 
# 
_diffrn.id                     1 
_diffrn.ambient_temp           128 
_diffrn.ambient_temp_details   ? 
_diffrn.crystal_id             1 
# 
_diffrn_detector.diffrn_id              1 
_diffrn_detector.detector               'IMAGE PLATE' 
_diffrn_detector.type                   'RIGAKU RAXIS IIC' 
_diffrn_detector.pdbx_collection_date   1997 
_diffrn_detector.details                ? 
# 
_diffrn_radiation.diffrn_id                        1 
_diffrn_radiation.wavelength_id                    1 
_diffrn_radiation.pdbx_monochromatic_or_laue_m_l   M 
_diffrn_radiation.monochromator                    ? 
_diffrn_radiation.pdbx_diffrn_protocol             'SINGLE WAVELENGTH' 
_diffrn_radiation.pdbx_scattering_type             x-ray 
# 
_diffrn_radiation_wavelength.id           1 
_diffrn_radiation_wavelength.wavelength   1.5418 
_diffrn_radiation_wavelength.wt           1.0 
# 
_diffrn_source.diffrn_id                   1 
_diffrn_source.source                      'ROTATING ANODE' 
_diffrn_source.type                        RIGAKU 
_diffrn_source.pdbx_synchrotron_site       ? 
_diffrn_source.pdbx_synchrotron_beamline   ? 
_diffrn_source.pdbx_wavelength             ? 
_diffrn_source.pdbx_wavelength_list        1.5418 
# 
_reflns.entry_id                     2A0P 
_reflns.observed_criterion_sigma_I   2. 
_reflns.observed_criterion_sigma_F   ? 
_reflns.d_resolution_low             ? 
_reflns.d_resolution_high            1.95 
_reflns.number_obs                   3077 
_reflns.number_all                   ? 
_reflns.percent_possible_obs         ? 
_reflns.pdbx_Rmerge_I_obs            0.067 
_reflns.pdbx_Rsym_value              ? 
_reflns.pdbx_netI_over_sigmaI        ? 
_reflns.B_iso_Wilson_estimate        ? 
_reflns.pdbx_redundancy              ? 
_reflns.R_free_details               ? 
_reflns.pdbx_chi_squared             ? 
_reflns.pdbx_scaling_rejects         ? 
_reflns.pdbx_diffrn_id               1 
_reflns.pdbx_ordinal                 1 
# 
_refine.entry_id                                 2A0P 
_refine.ls_number_reflns_obs                     3077 
_refine.ls_number_reflns_all                     ? 
_refine.pdbx_ls_sigma_I                          ? 
_refine.pdbx_ls_sigma_F                          1 
_refine.pdbx_data_cutoff_high_absF               ? 
_refine.pdbx_data_cutoff_low_absF                ? 
_refine.pdbx_data_cutoff_high_rms_absF           ? 
_refine.ls_d_res_low                             25 
_refine.ls_d_res_high                            1.95 
_refine.ls_percent_reflns_obs                    ? 
_refine.ls_R_factor_obs                          0.2021 
_refine.ls_R_factor_all                          ? 
_refine.ls_R_factor_R_work                       0.202 
_refine.ls_R_factor_R_free                       ? 
_refine.ls_R_factor_R_free_error                 ? 
_refine.ls_R_factor_R_free_error_details         ? 
_refine.ls_percent_reflns_R_free                 ? 
_refine.ls_number_reflns_R_free                  ? 
_refine.ls_number_parameters                     ? 
_refine.ls_number_restraints                     ? 
_refine.occupancy_min                            ? 
_refine.occupancy_max                            ? 
_refine.correlation_coeff_Fo_to_Fc               ? 
_refine.correlation_coeff_Fo_to_Fc_free          ? 
_refine.B_iso_mean                               ? 
_refine.aniso_B[1][1]                            ? 
_refine.aniso_B[2][2]                            ? 
_refine.aniso_B[3][3]                            ? 
_refine.aniso_B[1][2]                            ? 
_refine.aniso_B[1][3]                            ? 
_refine.aniso_B[2][3]                            ? 
_refine.solvent_model_details                    ? 
_refine.solvent_model_param_ksol                 ? 
_refine.solvent_model_param_bsol                 ? 
_refine.pdbx_solvent_vdw_probe_radii             ? 
_refine.pdbx_solvent_ion_probe_radii             ? 
_refine.pdbx_solvent_shrinkage_radii             ? 
_refine.pdbx_ls_cross_valid_method               ? 
_refine.details                                  ? 
_refine.pdbx_starting_model                      259D 
_refine.pdbx_method_to_determine_struct          'MOLECULAR REPLACEMENT' 
_refine.ls_redundancy_reflns_obs                 ? 
_refine.pdbx_isotropic_thermal_model             ? 
_refine.pdbx_R_Free_selection_details            ? 
_refine.pdbx_stereochem_target_val_spec_case     ? 
_refine.pdbx_stereochemistry_target_values       ? 
_refine.overall_SU_ML                            ? 
_refine.overall_SU_B                             ? 
_refine.pdbx_overall_ESU_R                       ? 
_refine.pdbx_overall_ESU_R_Free                  ? 
_refine.overall_SU_R_Cruickshank_DPI             ? 
_refine.overall_SU_R_free                        ? 
_refine.ls_wR_factor_R_free                      ? 
_refine.ls_wR_factor_R_work                      ? 
_refine.overall_FOM_free_R_set                   ? 
_refine.overall_FOM_work_R_set                   ? 
_refine.pdbx_refine_id                           'X-RAY DIFFRACTION' 
_refine.pdbx_diffrn_id                           1 
_refine.pdbx_TLS_residual_ADP_flag               ? 
_refine.pdbx_overall_phase_error                 ? 
_refine.pdbx_overall_SU_R_free_Cruickshank_DPI   ? 
_refine.pdbx_overall_SU_R_Blow_DPI               ? 
_refine.pdbx_overall_SU_R_free_Blow_DPI          ? 
# 
_refine_hist.pdbx_refine_id                   'X-RAY DIFFRACTION' 
_refine_hist.cycle_id                         LAST 
_refine_hist.pdbx_number_atoms_protein        0 
_refine_hist.pdbx_number_atoms_nucleic_acid   397 
_refine_hist.pdbx_number_atoms_ligand         0 
_refine_hist.number_atoms_solvent             69 
_refine_hist.number_atoms_total               466 
_refine_hist.d_res_high                       1.95 
_refine_hist.d_res_low                        25 
# 
loop_
_refine_ls_restr.type 
_refine_ls_restr.dev_ideal 
_refine_ls_restr.dev_ideal_target 
_refine_ls_restr.weight 
_refine_ls_restr.number 
_refine_ls_restr.pdbx_refine_id 
_refine_ls_restr.pdbx_restraint_function 
x_bond_d           0.03 ? ? ? 'X-RAY DIFFRACTION' ? 
x_angle_deg        3.8  ? ? ? 'X-RAY DIFFRACTION' ? 
x_improper_angle_d ?    ? ? ? 'X-RAY DIFFRACTION' ? 
x_mcbond_it        ?    ? ? ? 'X-RAY DIFFRACTION' ? 
x_mcangle_it       ?    ? ? ? 'X-RAY DIFFRACTION' ? 
x_scbond_it        ?    ? ? ? 'X-RAY DIFFRACTION' ? 
x_scangle_it       ?    ? ? ? 'X-RAY DIFFRACTION' ? 
# 
_struct.entry_id                  2A0P 
_struct.title                     
;Crystal structure of RNA oligomer containing 4'-thioribose
;
_struct.pdbx_model_details        ? 
_struct.pdbx_CASP_flag            ? 
_struct.pdbx_model_type_details   ? 
# 
_struct_keywords.entry_id        2A0P 
_struct_keywords.pdbx_keywords   RNA 
_struct_keywords.text            
;A-RNA; DOUBLE HELIX; RIBONUCLEIC ACID; 4'-THIO RNA, RNA
;
# 
loop_
_struct_asym.id 
_struct_asym.pdbx_blank_PDB_chainid_flag 
_struct_asym.pdbx_modified 
_struct_asym.entity_id 
_struct_asym.details 
A N N 1 ? 
B N N 1 ? 
C N N 2 ? 
D N N 2 ? 
# 
_struct_biol.id                    1 
_struct_biol.pdbx_parent_biol_id   ? 
_struct_biol.details               ? 
# 
loop_
_struct_conn.id 
_struct_conn.conn_type_id 
_struct_conn.pdbx_leaving_atom_flag 
_struct_conn.pdbx_PDB_id 
_struct_conn.ptnr1_label_asym_id 
_struct_conn.ptnr1_label_comp_id 
_struct_conn.ptnr1_label_seq_id 
_struct_conn.ptnr1_label_atom_id 
_struct_conn.pdbx_ptnr1_label_alt_id 
_struct_conn.pdbx_ptnr1_PDB_ins_code 
_struct_conn.pdbx_ptnr1_standard_comp_id 
_struct_conn.ptnr1_symmetry 
_struct_conn.ptnr2_label_asym_id 
_struct_conn.ptnr2_label_comp_id 
_struct_conn.ptnr2_label_seq_id 
_struct_conn.ptnr2_label_atom_id 
_struct_conn.pdbx_ptnr2_label_alt_id 
_struct_conn.pdbx_ptnr2_PDB_ins_code 
_struct_conn.ptnr1_auth_asym_id 
_struct_conn.ptnr1_auth_comp_id 
_struct_conn.ptnr1_auth_seq_id 
_struct_conn.ptnr2_auth_asym_id 
_struct_conn.ptnr2_auth_comp_id 
_struct_conn.ptnr2_auth_seq_id 
_struct_conn.ptnr2_symmetry 
_struct_conn.pdbx_ptnr3_label_atom_id 
_struct_conn.pdbx_ptnr3_label_seq_id 
_struct_conn.pdbx_ptnr3_label_comp_id 
_struct_conn.pdbx_ptnr3_label_asym_id 
_struct_conn.pdbx_ptnr3_label_alt_id 
_struct_conn.pdbx_ptnr3_PDB_ins_code 
_struct_conn.details 
_struct_conn.pdbx_dist_value 
_struct_conn.pdbx_value_order 
_struct_conn.pdbx_role 
covale1  covale both ? A C   2 "O3'" ? ? ? 1_555 A S4C 3 P  ? ? A C   2  A S4C 3  1_555 ? ? ? ? ? ? ?            1.644 ? ? 
covale2  covale one  ? A S4C 3 "O3'" ? ? ? 1_555 A C   4 P  ? ? A S4C 3  A C   4  1_555 ? ? ? ? ? ? ?            1.670 ? ? 
covale3  covale both ? B C   2 "O3'" ? ? ? 1_555 B S4C 3 P  ? ? B C   10 B S4C 11 1_555 ? ? ? ? ? ? ?            1.604 ? ? 
covale4  covale one  ? B S4C 3 "O3'" ? ? ? 1_555 B C   4 P  ? ? B S4C 11 B C   12 1_555 ? ? ? ? ? ? ?            1.625 ? ? 
hydrog1  hydrog ?    ? A C   1 N3    ? ? ? 1_555 B G   8 N1 ? ? A C   1  B G   16 1_555 ? ? ? ? ? ? WATSON-CRICK ?     ? ? 
hydrog2  hydrog ?    ? A C   1 N4    ? ? ? 1_555 B G   8 O6 ? ? A C   1  B G   16 1_555 ? ? ? ? ? ? WATSON-CRICK ?     ? ? 
hydrog3  hydrog ?    ? A C   1 O2    ? ? ? 1_555 B G   8 N2 ? ? A C   1  B G   16 1_555 ? ? ? ? ? ? WATSON-CRICK ?     ? ? 
hydrog4  hydrog ?    ? A C   2 N3    ? ? ? 1_555 B G   7 N1 ? ? A C   2  B G   15 1_555 ? ? ? ? ? ? WATSON-CRICK ?     ? ? 
hydrog5  hydrog ?    ? A C   2 N4    ? ? ? 1_555 B G   7 O6 ? ? A C   2  B G   15 1_555 ? ? ? ? ? ? WATSON-CRICK ?     ? ? 
hydrog6  hydrog ?    ? A C   2 O2    ? ? ? 1_555 B G   7 N2 ? ? A C   2  B G   15 1_555 ? ? ? ? ? ? WATSON-CRICK ?     ? ? 
hydrog7  hydrog ?    ? A S4C 3 N3    ? ? ? 1_555 B G   6 N1 ? ? A S4C 3  B G   14 1_555 ? ? ? ? ? ? WATSON-CRICK ?     ? ? 
hydrog8  hydrog ?    ? A S4C 3 N4    ? ? ? 1_555 B G   6 O6 ? ? A S4C 3  B G   14 1_555 ? ? ? ? ? ? WATSON-CRICK ?     ? ? 
hydrog9  hydrog ?    ? A S4C 3 O2    ? ? ? 1_555 B G   6 N2 ? ? A S4C 3  B G   14 1_555 ? ? ? ? ? ? WATSON-CRICK ?     ? ? 
hydrog10 hydrog ?    ? A C   4 N3    ? ? ? 1_555 B G   5 N1 ? ? A C   4  B G   13 1_555 ? ? ? ? ? ? WATSON-CRICK ?     ? ? 
hydrog11 hydrog ?    ? A C   4 N4    ? ? ? 1_555 B G   5 O6 ? ? A C   4  B G   13 1_555 ? ? ? ? ? ? WATSON-CRICK ?     ? ? 
hydrog12 hydrog ?    ? A C   4 O2    ? ? ? 1_555 B G   5 N2 ? ? A C   4  B G   13 1_555 ? ? ? ? ? ? WATSON-CRICK ?     ? ? 
hydrog13 hydrog ?    ? A G   5 N1    ? ? ? 1_555 B C   4 N3 ? ? A G   5  B C   12 1_555 ? ? ? ? ? ? WATSON-CRICK ?     ? ? 
hydrog14 hydrog ?    ? A G   5 N2    ? ? ? 1_555 B C   4 O2 ? ? A G   5  B C   12 1_555 ? ? ? ? ? ? WATSON-CRICK ?     ? ? 
hydrog15 hydrog ?    ? A G   5 O6    ? ? ? 1_555 B C   4 N4 ? ? A G   5  B C   12 1_555 ? ? ? ? ? ? WATSON-CRICK ?     ? ? 
hydrog16 hydrog ?    ? A G   6 N1    ? ? ? 1_555 B S4C 3 N3 ? ? A G   6  B S4C 11 1_555 ? ? ? ? ? ? WATSON-CRICK ?     ? ? 
hydrog17 hydrog ?    ? A G   6 N2    ? ? ? 1_555 B S4C 3 O2 ? ? A G   6  B S4C 11 1_555 ? ? ? ? ? ? WATSON-CRICK ?     ? ? 
hydrog18 hydrog ?    ? A G   6 O6    ? ? ? 1_555 B S4C 3 N4 ? ? A G   6  B S4C 11 1_555 ? ? ? ? ? ? WATSON-CRICK ?     ? ? 
hydrog19 hydrog ?    ? A G   7 N1    ? ? ? 1_555 B C   2 N3 ? ? A G   7  B C   10 1_555 ? ? ? ? ? ? WATSON-CRICK ?     ? ? 
hydrog20 hydrog ?    ? A G   7 N2    ? ? ? 1_555 B C   2 O2 ? ? A G   7  B C   10 1_555 ? ? ? ? ? ? WATSON-CRICK ?     ? ? 
hydrog21 hydrog ?    ? A G   7 O6    ? ? ? 1_555 B C   2 N4 ? ? A G   7  B C   10 1_555 ? ? ? ? ? ? WATSON-CRICK ?     ? ? 
hydrog22 hydrog ?    ? A G   8 N1    ? ? ? 1_555 B C   1 N3 ? ? A G   8  B C   9  1_555 ? ? ? ? ? ? WATSON-CRICK ?     ? ? 
hydrog23 hydrog ?    ? A G   8 N2    ? ? ? 1_555 B C   1 O2 ? ? A G   8  B C   9  1_555 ? ? ? ? ? ? WATSON-CRICK ?     ? ? 
hydrog24 hydrog ?    ? A G   8 O6    ? ? ? 1_555 B C   1 N4 ? ? A G   8  B C   9  1_555 ? ? ? ? ? ? WATSON-CRICK ?     ? ? 
# 
loop_
_struct_conn_type.id 
_struct_conn_type.criteria 
_struct_conn_type.reference 
covale ? ? 
hydrog ? ? 
# 
_atom_sites.entry_id                    2A0P 
_atom_sites.fract_transf_matrix[1][1]   0.01419616 
_atom_sites.fract_transf_matrix[1][2]   -0.01990157 
_atom_sites.fract_transf_matrix[1][3]   0.01194489 
_atom_sites.fract_transf_matrix[2][1]   0.01016055 
_atom_sites.fract_transf_matrix[2][2]   -0.02032903 
_atom_sites.fract_transf_matrix[2][3]   -0.01495892 
_atom_sites.fract_transf_matrix[3][1]   0.00660426 
_atom_sites.fract_transf_matrix[3][2]   0.00407747 
_atom_sites.fract_transf_matrix[3][3]   -0.00105543 
_atom_sites.fract_transf_vector[1]      -0.272795 
_atom_sites.fract_transf_vector[2]      0.114253 
_atom_sites.fract_transf_vector[3]      0.080544 
# 
loop_
_atom_type.symbol 
C 
H 
N 
O 
P 
S 
# 
loop_
_atom_site.group_PDB 
_atom_site.id 
_atom_site.type_symbol 
_atom_site.label_atom_id 
_atom_site.label_alt_id 
_atom_site.label_comp_id 
_atom_site.label_asym_id 
_atom_site.label_entity_id 
_atom_site.label_seq_id 
_atom_site.pdbx_PDB_ins_code 
_atom_site.Cartn_x 
_atom_site.Cartn_y 
_atom_site.Cartn_z 
_atom_site.occupancy 
_atom_site.B_iso_or_equiv 
_atom_site.pdbx_formal_charge 
_atom_site.auth_seq_id 
_atom_site.auth_comp_id 
_atom_site.auth_asym_id 
_atom_site.auth_atom_id 
_atom_site.pdbx_PDB_model_num 
ATOM   1   O "O5'"  . C   A 1 1 ? -6.150  2.404   9.971   1.00 26.64 ? 1   C   A "O5'"  1 
ATOM   2   C "C5'"  . C   A 1 1 ? -5.513  2.244   11.264  1.00 24.70 ? 1   C   A "C5'"  1 
ATOM   3   C "C4'"  . C   A 1 1 ? -5.374  0.860   11.794  1.00 24.96 ? 1   C   A "C4'"  1 
ATOM   4   O "O4'"  . C   A 1 1 ? -6.435  -0.004  11.397  1.00 21.15 ? 1   C   A "O4'"  1 
ATOM   5   C "C3'"  . C   A 1 1 ? -4.335  0.180   11.039  1.00 26.44 ? 1   C   A "C3'"  1 
ATOM   6   O "O3'"  . C   A 1 1 ? -3.038  0.584   11.528  1.00 29.71 ? 1   C   A "O3'"  1 
ATOM   7   C "C2'"  . C   A 1 1 ? -4.623  -1.229  11.259  1.00 23.83 ? 1   C   A "C2'"  1 
ATOM   8   O "O2'"  . C   A 1 1 ? -4.245  -1.479  12.562  1.00 25.55 ? 1   C   A "O2'"  1 
ATOM   9   C "C1'"  . C   A 1 1 ? -6.077  -1.331  11.061  1.00 20.94 ? 1   C   A "C1'"  1 
ATOM   10  N N1     . C   A 1 1 ? -6.498  -1.579  9.619   1.00 19.70 ? 1   C   A N1     1 
ATOM   11  C C2     . C   A 1 1 ? -6.530  -2.904  9.145   1.00 20.01 ? 1   C   A C2     1 
ATOM   12  O O2     . C   A 1 1 ? -6.077  -3.849  9.791   1.00 21.94 ? 1   C   A O2     1 
ATOM   13  N N3     . C   A 1 1 ? -6.958  -3.173  7.901   1.00 19.65 ? 1   C   A N3     1 
ATOM   14  C C4     . C   A 1 1 ? -7.329  -2.177  7.122   1.00 18.91 ? 1   C   A C4     1 
ATOM   15  N N4     . C   A 1 1 ? -7.810  -2.511  5.922   1.00 19.77 ? 1   C   A N4     1 
ATOM   16  C C5     . C   A 1 1 ? -7.302  -0.811  7.533   1.00 17.67 ? 1   C   A C5     1 
ATOM   17  C C6     . C   A 1 1 ? -6.884  -0.570  8.793   1.00 17.60 ? 1   C   A C6     1 
ATOM   18  H "HO2'" . C   A 1 1 ? -4.379  -2.414  12.726  1.00 15.00 ? 1   C   A "HO2'" 1 
ATOM   19  H H41    . C   A 1 1 ? -8.162  -1.796  5.301   1.00 15.00 ? 1   C   A H41    1 
ATOM   20  H H42    . C   A 1 1 ? -7.822  -3.482  5.640   1.00 15.00 ? 1   C   A H42    1 
ATOM   21  H "HO5'" . C   A 1 1 ? -7.027  2.018   10.033  1.00 15.00 ? 1   C   A "HO5'" 1 
ATOM   22  P P      . C   A 1 2 ? -1.698  0.779   10.587  1.00 30.55 ? 2   C   A P      1 
ATOM   23  O OP1    . C   A 1 2 ? -0.659  1.522   11.312  1.00 31.61 ? 2   C   A OP1    1 
ATOM   24  O OP2    . C   A 1 2 ? -2.153  1.297   9.282   1.00 31.45 ? 2   C   A OP2    1 
ATOM   25  O "O5'"  . C   A 1 2 ? -1.242  -0.716  10.543  1.00 29.87 ? 2   C   A "O5'"  1 
ATOM   26  C "C5'"  . C   A 1 2 ? -0.842  -1.437  11.679  1.00 28.21 ? 2   C   A "C5'"  1 
ATOM   27  C "C4'"  . C   A 1 2 ? -0.808  -2.959  11.372  1.00 27.68 ? 2   C   A "C4'"  1 
ATOM   28  O "O4'"  . C   A 1 2 ? -2.098  -3.264  10.828  1.00 27.24 ? 2   C   A "O4'"  1 
ATOM   29  C "C3'"  . C   A 1 2 ? 0.016   -3.444  10.141  1.00 27.37 ? 2   C   A "C3'"  1 
ATOM   30  O "O3'"  . C   A 1 2 ? 1.395   -3.702  10.339  1.00 28.23 ? 2   C   A "O3'"  1 
ATOM   31  C "C2'"  . C   A 1 2 ? -0.582  -4.781  9.796   1.00 27.06 ? 2   C   A "C2'"  1 
ATOM   32  O "O2'"  . C   A 1 2 ? -0.175  -5.862  10.756  1.00 28.24 ? 2   C   A "O2'"  1 
ATOM   33  C "C1'"  . C   A 1 2 ? -2.079  -4.449  9.898   1.00 23.40 ? 2   C   A "C1'"  1 
ATOM   34  N N1     . C   A 1 2 ? -2.670  -3.993  8.593   1.00 19.38 ? 2   C   A N1     1 
ATOM   35  C C2     . C   A 1 2 ? -2.945  -4.950  7.641   1.00 17.75 ? 2   C   A C2     1 
ATOM   36  O O2     . C   A 1 2 ? -2.550  -6.123  7.719   1.00 18.17 ? 2   C   A O2     1 
ATOM   37  N N3     . C   A 1 2 ? -3.546  -4.544  6.544   1.00 15.36 ? 2   C   A N3     1 
ATOM   38  C C4     . C   A 1 2 ? -3.845  -3.301  6.360   1.00 14.80 ? 2   C   A C4     1 
ATOM   39  N N4     . C   A 1 2 ? -4.480  -3.036  5.248   1.00 13.89 ? 2   C   A N4     1 
ATOM   40  C C5     . C   A 1 2 ? -3.556  -2.293  7.291   1.00 14.88 ? 2   C   A C5     1 
ATOM   41  C C6     . C   A 1 2 ? -2.969  -2.692  8.397   1.00 17.13 ? 2   C   A C6     1 
ATOM   42  H "HO2'" . C   A 1 2 ? 0.783   -5.920  10.727  1.00 15.00 ? 2   C   A "HO2'" 1 
ATOM   43  H H41    . C   A 1 2 ? -4.788  -2.095  5.050   1.00 15.00 ? 2   C   A H41    1 
ATOM   44  H H42    . C   A 1 2 ? -4.661  -3.775  4.582   1.00 15.00 ? 2   C   A H42    1 
HETATM 45  N N1     . S4C A 1 3 ? 0.722   -6.096  5.199   1.00 18.61 ? 3   S4C A N1     1 
HETATM 46  C C2     . S4C A 1 3 ? 0.126   -6.339  4.024   1.00 16.79 ? 3   S4C A C2     1 
HETATM 47  O O2     . S4C A 1 3 ? 0.343   -7.368  3.395   1.00 17.66 ? 3   S4C A O2     1 
HETATM 48  N N3     . S4C A 1 3 ? -0.607  -5.391  3.490   1.00 16.42 ? 3   S4C A N3     1 
HETATM 49  C "C1'"  . S4C A 1 3 ? 1.396   -7.316  5.835   1.00 21.57 ? 3   S4C A "C1'"  1 
HETATM 50  C C4     . S4C A 1 3 ? -0.752  -4.208  4.051   1.00 16.39 ? 3   S4C A C4     1 
HETATM 51  N N4     . S4C A 1 3 ? -1.543  -3.355  3.402   1.00 16.22 ? 3   S4C A N4     1 
HETATM 52  C C5     . S4C A 1 3 ? -0.108  -3.873  5.283   1.00 16.42 ? 3   S4C A C5     1 
HETATM 53  C C6     . S4C A 1 3 ? 0.622   -4.844  5.836   1.00 17.21 ? 3   S4C A C6     1 
HETATM 54  C "C2'"  . S4C A 1 3 ? 2.883   -7.262  5.562   1.00 22.40 ? 3   S4C A "C2'"  1 
HETATM 55  O "O2'"  . S4C A 1 3 ? 3.386   -8.542  5.587   1.00 23.12 ? 3   S4C A "O2'"  1 
HETATM 56  C "C3'"  . S4C A 1 3 ? 3.494   -6.416  6.593   1.00 23.88 ? 3   S4C A "C3'"  1 
HETATM 57  O "O3'"  . S4C A 1 3 ? 4.875   -6.419  6.293   1.00 24.85 ? 3   S4C A "O3'"  1 
HETATM 58  C "C4'"  . S4C A 1 3 ? 3.069   -6.867  7.991   1.00 24.34 ? 3   S4C A "C4'"  1 
HETATM 59  S "S4'"  . S4C A 1 3 ? 1.325   -7.378  7.667   1.00 24.49 ? 3   S4C A "S4'"  1 
HETATM 60  O OP1    . S4C A 1 3 ? 3.790   -2.982  9.939   1.00 29.04 ? 3   S4C A OP1    1 
HETATM 61  C "C5'"  . S4C A 1 3 ? 3.271   -5.808  9.034   1.00 24.42 ? 3   S4C A "C5'"  1 
HETATM 62  O "O5'"  . S4C A 1 3 ? 2.844   -4.605  8.472   1.00 28.01 ? 3   S4C A "O5'"  1 
HETATM 63  O OP2    . S4C A 1 3 ? 1.940   -2.165  8.343   1.00 28.03 ? 3   S4C A OP2    1 
HETATM 64  P P      . S4C A 1 3 ? 2.507   -3.207  9.236   1.00 28.06 ? 3   S4C A P      1 
HETATM 65  H H41    . S4C A 1 3 ? -1.714  -2.434  3.782   1.00 15.00 ? 3   S4C A H41    1 
HETATM 66  H H42    . S4C A 1 3 ? -1.975  -3.627  2.527   1.00 15.00 ? 3   S4C A H42    1 
HETATM 67  H "H2'"  . S4C A 1 3 ? 3.138   -8.946  6.422   1.00 15.00 ? 3   S4C A "H2'"  1 
ATOM   68  P P      . C   A 1 4 ? 5.658   -5.280  5.357   1.00 25.22 ? 4   C   A P      1 
ATOM   69  O OP1    . C   A 1 4 ? 7.051   -5.612  5.690   1.00 26.85 ? 4   C   A OP1    1 
ATOM   70  O OP2    . C   A 1 4 ? 5.320   -3.835  5.368   1.00 25.56 ? 4   C   A OP2    1 
ATOM   71  O "O5'"  . C   A 1 4 ? 5.356   -5.759  3.857   1.00 23.77 ? 4   C   A "O5'"  1 
ATOM   72  C "C5'"  . C   A 1 4 ? 5.914   -6.926  3.426   1.00 22.36 ? 4   C   A "C5'"  1 
ATOM   73  C "C4'"  . C   A 1 4 ? 5.329   -7.358  2.141   1.00 22.57 ? 4   C   A "C4'"  1 
ATOM   74  O "O4'"  . C   A 1 4 ? 3.917   -7.388  2.184   1.00 21.17 ? 4   C   A "O4'"  1 
ATOM   75  C "C3'"  . C   A 1 4 ? 5.574   -6.410  1.051   1.00 24.02 ? 4   C   A "C3'"  1 
ATOM   76  O "O3'"  . C   A 1 4 ? 6.886   -6.559  0.463   1.00 26.48 ? 4   C   A "O3'"  1 
ATOM   77  C "C2'"  . C   A 1 4 ? 4.576   -6.818  0.061   1.00 22.86 ? 4   C   A "C2'"  1 
ATOM   78  O "O2'"  . C   A 1 4 ? 4.986   -8.119  -0.483  1.00 23.25 ? 4   C   A "O2'"  1 
ATOM   79  C "C1'"  . C   A 1 4 ? 3.374   -6.951  0.956   1.00 20.12 ? 4   C   A "C1'"  1 
ATOM   80  N N1     . C   A 1 4 ? 2.692   -5.678  1.156   1.00 17.83 ? 4   C   A N1     1 
ATOM   81  C C2     . C   A 1 4 ? 1.913   -5.210  0.104   1.00 16.34 ? 4   C   A C2     1 
ATOM   82  O O2     . C   A 1 4 ? 1.793   -5.867  -0.924  1.00 18.16 ? 4   C   A O2     1 
ATOM   83  N N3     . C   A 1 4 ? 1.232   -4.067  0.220   1.00 15.01 ? 4   C   A N3     1 
ATOM   84  C C4     . C   A 1 4 ? 1.303   -3.406  1.339   1.00 15.24 ? 4   C   A C4     1 
ATOM   85  N N4     . C   A 1 4 ? 0.561   -2.321  1.465   1.00 14.46 ? 4   C   A N4     1 
ATOM   86  C C5     . C   A 1 4 ? 2.108   -3.858  2.460   1.00 15.89 ? 4   C   A C5     1 
ATOM   87  C C6     . C   A 1 4 ? 2.777   -4.991  2.320   1.00 15.63 ? 4   C   A C6     1 
ATOM   88  H "HO2'" . C   A 1 4 ? 5.842   -8.007  -0.905  1.00 15.00 ? 4   C   A "HO2'" 1 
ATOM   89  H H41    . C   A 1 4 ? 0.495   -1.847  2.351   1.00 15.00 ? 4   C   A H41    1 
ATOM   90  H H42    . C   A 1 4 ? 0.056   -1.969  0.663   1.00 15.00 ? 4   C   A H42    1 
ATOM   91  P P      . G   A 1 5 ? 7.652   -5.169  -0.027  1.00 25.89 ? 5   G   A P      1 
ATOM   92  O OP1    . G   A 1 5 ? 8.984   -5.803  0.013   1.00 26.97 ? 5   G   A OP1    1 
ATOM   93  O OP2    . G   A 1 5 ? 7.315   -4.051  0.864   1.00 26.36 ? 5   G   A OP2    1 
ATOM   94  O "O5'"  . G   A 1 5 ? 7.253   -4.799  -1.512  1.00 24.23 ? 5   G   A "O5'"  1 
ATOM   95  C "C5'"  . G   A 1 5 ? 7.247   -5.911  -2.384  1.00 22.88 ? 5   G   A "C5'"  1 
ATOM   96  C "C4'"  . G   A 1 5 ? 6.418   -5.643  -3.564  1.00 24.39 ? 5   G   A "C4'"  1 
ATOM   97  O "O4'"  . G   A 1 5 ? 5.091   -5.373  -3.061  1.00 21.59 ? 5   G   A "O4'"  1 
ATOM   98  C "C3'"  . G   A 1 5 ? 6.664   -4.242  -4.181  1.00 24.36 ? 5   G   A "C3'"  1 
ATOM   99  O "O3'"  . G   A 1 5 ? 7.756   -4.009  -5.078  1.00 28.00 ? 5   G   A "O3'"  1 
ATOM   100 C "C2'"  . G   A 1 5 ? 5.475   -3.964  -4.957  1.00 23.15 ? 5   G   A "C2'"  1 
ATOM   101 O "O2'"  . G   A 1 5 ? 5.471   -4.691  -6.231  1.00 23.63 ? 5   G   A "O2'"  1 
ATOM   102 C "C1'"  . G   A 1 5 ? 4.374   -4.467  -3.949  1.00 19.46 ? 5   G   A "C1'"  1 
ATOM   103 N N9     . G   A 1 5 ? 3.910   -3.433  -3.051  1.00 15.36 ? 5   G   A N9     1 
ATOM   104 C C8     . G   A 1 5 ? 4.137   -3.268  -1.730  1.00 13.38 ? 5   G   A C8     1 
ATOM   105 N N7     . G   A 1 5 ? 3.491   -2.254  -1.271  1.00 13.24 ? 5   G   A N7     1 
ATOM   106 C C5     . G   A 1 5 ? 2.822   -1.744  -2.344  1.00 11.07 ? 5   G   A C5     1 
ATOM   107 C C6     . G   A 1 5 ? 1.986   -0.694  -2.377  1.00 11.40 ? 5   G   A C6     1 
ATOM   108 O O6     . G   A 1 5 ? 1.744   0.011   -1.399  1.00 11.89 ? 5   G   A O6     1 
ATOM   109 N N1     . G   A 1 5 ? 1.460   -0.511  -3.649  1.00 10.75 ? 5   G   A N1     1 
ATOM   110 C C2     . G   A 1 5 ? 1.743   -1.291  -4.770  1.00 10.93 ? 5   G   A C2     1 
ATOM   111 N N2     . G   A 1 5 ? 1.169   -1.034  -5.937  1.00 9.93  ? 5   G   A N2     1 
ATOM   112 N N3     . G   A 1 5 ? 2.581   -2.312  -4.711  1.00 12.74 ? 5   G   A N3     1 
ATOM   113 C C4     . G   A 1 5 ? 3.065   -2.456  -3.445  1.00 13.20 ? 5   G   A C4     1 
ATOM   114 H "HO2'" . G   A 1 5 ? 5.465   -5.630  -6.028  1.00 15.00 ? 5   G   A "HO2'" 1 
ATOM   115 H H1     . G   A 1 5 ? 0.815   0.260   -3.756  1.00 15.00 ? 5   G   A H1     1 
ATOM   116 H H21    . G   A 1 5 ? 1.366   -1.620  -6.734  1.00 15.00 ? 5   G   A H21    1 
ATOM   117 H H22    . G   A 1 5 ? 0.536   -0.253  -6.028  1.00 15.00 ? 5   G   A H22    1 
ATOM   118 P P      . G   A 1 6 ? 8.733   -2.675  -4.837  1.00 27.82 ? 6   G   A P      1 
ATOM   119 O OP1    . G   A 1 6 ? 10.078  -3.175  -5.293  1.00 30.56 ? 6   G   A OP1    1 
ATOM   120 O OP2    . G   A 1 6 ? 8.613   -2.143  -3.467  1.00 28.38 ? 6   G   A OP2    1 
ATOM   121 O "O5'"  . G   A 1 6 ? 8.083   -1.624  -5.780  1.00 25.70 ? 6   G   A "O5'"  1 
ATOM   122 C "C5'"  . G   A 1 6 ? 7.766   -2.039  -7.092  1.00 23.58 ? 6   G   A "C5'"  1 
ATOM   123 C "C4'"  . G   A 1 6 ? 6.755   -1.087  -7.728  1.00 20.80 ? 6   G   A "C4'"  1 
ATOM   124 O "O4'"  . G   A 1 6 ? 5.506   -1.140  -7.082  1.00 20.26 ? 6   G   A "O4'"  1 
ATOM   125 C "C3'"  . G   A 1 6 ? 7.026   0.342   -7.473  1.00 20.14 ? 6   G   A "C3'"  1 
ATOM   126 O "O3'"  . G   A 1 6 ? 8.031   0.887   -8.344  1.00 22.58 ? 6   G   A "O3'"  1 
ATOM   127 C "C2'"  . G   A 1 6 ? 5.751   1.003   -7.786  1.00 17.96 ? 6   G   A "C2'"  1 
ATOM   128 O "O2'"  . G   A 1 6 ? 5.589   0.994   -9.162  1.00 18.19 ? 6   G   A "O2'"  1 
ATOM   129 C "C1'"  . G   A 1 6 ? 4.746   0.130   -7.088  1.00 17.32 ? 6   G   A "C1'"  1 
ATOM   130 N N9     . G   A 1 6 ? 4.576   0.602   -5.707  1.00 13.95 ? 6   G   A N9     1 
ATOM   131 C C8     . G   A 1 6 ? 5.177   0.184   -4.501  1.00 12.89 ? 6   G   A C8     1 
ATOM   132 N N7     . G   A 1 6 ? 4.816   0.853   -3.434  1.00 13.91 ? 6   G   A N7     1 
ATOM   133 C C5     . G   A 1 6 ? 3.881   1.785   -4.037  1.00 13.14 ? 6   G   A C5     1 
ATOM   134 C C6     . G   A 1 6 ? 3.105   2.827   -3.443  1.00 12.68 ? 6   G   A C6     1 
ATOM   135 O O6     . G   A 1 6 ? 3.111   3.198   -2.270  1.00 14.65 ? 6   G   A O6     1 
ATOM   136 N N1     . G   A 1 6 ? 2.357   3.529   -4.356  1.00 12.22 ? 6   G   A N1     1 
ATOM   137 C C2     . G   A 1 6 ? 2.342   3.299   -5.689  1.00 11.84 ? 6   G   A C2     1 
ATOM   138 N N2     . G   A 1 6 ? 1.620   4.171   -6.367  1.00 12.95 ? 6   G   A N2     1 
ATOM   139 N N3     . G   A 1 6 ? 3.030   2.350   -6.299  1.00 13.27 ? 6   G   A N3     1 
ATOM   140 C C4     . G   A 1 6 ? 3.771   1.628   -5.394  1.00 12.61 ? 6   G   A C4     1 
ATOM   141 H "HO2'" . G   A 1 6 ? 6.301   1.518   -9.541  1.00 15.00 ? 6   G   A "HO2'" 1 
ATOM   142 H H1     . G   A 1 6 ? 1.783   4.271   -3.983  1.00 15.00 ? 6   G   A H1     1 
ATOM   143 H H21    . G   A 1 6 ? 1.592   4.120   -7.375  1.00 15.00 ? 6   G   A H21    1 
ATOM   144 H H22    . G   A 1 6 ? 1.100   4.885   -5.880  1.00 15.00 ? 6   G   A H22    1 
ATOM   145 P P      . G   A 1 7 ? 9.035   2.120   -8.069  1.00 21.61 ? 7   G   A P      1 
ATOM   146 O OP1    . G   A 1 7 ? 9.857   2.214   -9.281  1.00 23.77 ? 7   G   A OP1    1 
ATOM   147 O OP2    . G   A 1 7 ? 9.753   1.851   -6.823  1.00 23.66 ? 7   G   A OP2    1 
ATOM   148 O "O5'"  . G   A 1 7 ? 8.028   3.454   -8.111  1.00 22.70 ? 7   G   A "O5'"  1 
ATOM   149 C "C5'"  . G   A 1 7 ? 7.623   4.069   -9.357  1.00 20.81 ? 7   G   A "C5'"  1 
ATOM   150 C "C4'"  . G   A 1 7 ? 6.501   5.082   -9.193  1.00 22.41 ? 7   G   A "C4'"  1 
ATOM   151 O "O4'"  . G   A 1 7 ? 5.424   4.610   -8.331  1.00 22.46 ? 7   G   A "O4'"  1 
ATOM   152 C "C3'"  . G   A 1 7 ? 6.897   6.212   -8.258  1.00 24.69 ? 7   G   A "C3'"  1 
ATOM   153 O "O3'"  . G   A 1 7 ? 7.599   7.251   -8.945  1.00 26.41 ? 7   G   A "O3'"  1 
ATOM   154 C "C2'"  . G   A 1 7 ? 5.600   6.777   -7.770  1.00 21.87 ? 7   G   A "C2'"  1 
ATOM   155 O "O2'"  . G   A 1 7 ? 4.915   7.485   -8.775  1.00 25.95 ? 7   G   A "O2'"  1 
ATOM   156 C "C1'"  . G   A 1 7 ? 4.802   5.600   -7.522  1.00 19.17 ? 7   G   A "C1'"  1 
ATOM   157 N N9     . G   A 1 7 ? 4.993   5.416   -6.147  1.00 15.75 ? 7   G   A N9     1 
ATOM   158 C C8     . G   A 1 7 ? 5.792   4.532   -5.520  1.00 15.15 ? 7   G   A C8     1 
ATOM   159 N N7     . G   A 1 7 ? 5.798   4.607   -4.228  1.00 13.43 ? 7   G   A N7     1 
ATOM   160 C C5     . G   A 1 7 ? 4.894   5.651   -4.012  1.00 14.37 ? 7   G   A C5     1 
ATOM   161 C C6     . G   A 1 7 ? 4.480   6.181   -2.811  1.00 12.43 ? 7   G   A C6     1 
ATOM   162 O O6     . G   A 1 7 ? 4.789   5.720   -1.719  1.00 13.47 ? 7   G   A O6     1 
ATOM   163 N N1     . G   A 1 7 ? 3.605   7.232   -2.940  1.00 12.39 ? 7   G   A N1     1 
ATOM   164 C C2     . G   A 1 7 ? 3.137   7.750   -4.098  1.00 13.09 ? 7   G   A C2     1 
ATOM   165 N N2     . G   A 1 7 ? 2.420   8.846   -3.937  1.00 12.08 ? 7   G   A N2     1 
ATOM   166 N N3     . G   A 1 7 ? 3.495   7.241   -5.310  1.00 15.56 ? 7   G   A N3     1 
ATOM   167 C C4     . G   A 1 7 ? 4.396   6.174   -5.170  1.00 14.69 ? 7   G   A C4     1 
ATOM   168 H "HO2'" . G   A 1 7 ? 5.483   8.192   -9.082  1.00 15.00 ? 7   G   A "HO2'" 1 
ATOM   169 H H1     . G   A 1 7 ? 3.291   7.644   -2.075  1.00 15.00 ? 7   G   A H1     1 
ATOM   170 H H21    . G   A 1 7 ? 2.094   9.353   -4.747  1.00 15.00 ? 7   G   A H21    1 
ATOM   171 H H22    . G   A 1 7 ? 2.201   9.173   -3.011  1.00 15.00 ? 7   G   A H22    1 
ATOM   172 P P      . G   A 1 8 ? 8.715   8.258   -8.278  1.00 25.71 ? 8   G   A P      1 
ATOM   173 O OP1    . G   A 1 8 ? 9.369   8.615   -9.556  1.00 25.62 ? 8   G   A OP1    1 
ATOM   174 O OP2    . G   A 1 8 ? 9.432   7.569   -7.164  1.00 26.29 ? 8   G   A OP2    1 
ATOM   175 O "O5'"  . G   A 1 8 ? 7.852   9.384   -7.697  1.00 24.38 ? 8   G   A "O5'"  1 
ATOM   176 C "C5'"  . G   A 1 8 ? 7.073   10.125  -8.563  1.00 23.72 ? 8   G   A "C5'"  1 
ATOM   177 C "C4'"  . G   A 1 8 ? 6.143   10.976  -7.731  1.00 26.25 ? 8   G   A "C4'"  1 
ATOM   178 O "O4'"  . G   A 1 8 ? 5.283   10.289  -6.777  1.00 24.00 ? 8   G   A "O4'"  1 
ATOM   179 C "C3'"  . G   A 1 8 ? 6.978   11.674  -6.696  1.00 25.10 ? 8   G   A "C3'"  1 
ATOM   180 O "O3'"  . G   A 1 8 ? 7.625   12.752  -7.378  1.00 29.76 ? 8   G   A "O3'"  1 
ATOM   181 C "C2'"  . G   A 1 8 ? 5.938   12.107  -5.653  1.00 25.32 ? 8   G   A "C2'"  1 
ATOM   182 O "O2'"  . G   A 1 8 ? 4.954   13.093  -6.074  1.00 25.97 ? 8   G   A "O2'"  1 
ATOM   183 C "C1'"  . G   A 1 8 ? 5.184   10.905  -5.459  1.00 19.78 ? 8   G   A "C1'"  1 
ATOM   184 N N9     . G   A 1 8 ? 5.876   10.099  -4.454  1.00 17.41 ? 8   G   A N9     1 
ATOM   185 C C8     . G   A 1 8 ? 6.715   9.015   -4.662  1.00 14.32 ? 8   G   A C8     1 
ATOM   186 N N7     . G   A 1 8 ? 6.999   8.440   -3.546  1.00 15.41 ? 8   G   A N7     1 
ATOM   187 C C5     . G   A 1 8 ? 6.313   9.189   -2.549  1.00 13.75 ? 8   G   A C5     1 
ATOM   188 C C6     . G   A 1 8 ? 6.201   9.014   -1.170  1.00 14.67 ? 8   G   A C6     1 
ATOM   189 O O6     . G   A 1 8 ? 6.685   8.148   -0.436  1.00 16.44 ? 8   G   A O6     1 
ATOM   190 N N1     . G   A 1 8 ? 5.411   9.929   -0.575  1.00 13.14 ? 8   G   A N1     1 
ATOM   191 C C2     . G   A 1 8 ? 4.815   10.881  -1.203  1.00 12.81 ? 8   G   A C2     1 
ATOM   192 N N2     . G   A 1 8 ? 4.142   11.664  -0.417  1.00 14.37 ? 8   G   A N2     1 
ATOM   193 N N3     . G   A 1 8 ? 4.870   11.091  -2.493  1.00 15.21 ? 8   G   A N3     1 
ATOM   194 C C4     . G   A 1 8 ? 5.651   10.185  -3.103  1.00 13.97 ? 8   G   A C4     1 
ATOM   195 H "HO2'" . G   A 1 8 ? 4.364   13.250  -5.333  1.00 15.00 ? 8   G   A "HO2'" 1 
ATOM   196 H H1     . G   A 1 8 ? 5.294   9.841   0.422   1.00 15.00 ? 8   G   A H1     1 
ATOM   197 H H21    . G   A 1 8 ? 3.643   12.451  -0.803  1.00 15.00 ? 8   G   A H21    1 
ATOM   198 H H22    . G   A 1 8 ? 4.118   11.484  0.570   1.00 15.00 ? 8   G   A H22    1 
ATOM   199 O "O5'"  . C   B 1 1 ? 2.504   9.195   7.541   1.00 33.89 ? 9   C   B "O5'"  1 
ATOM   200 C "C5'"  . C   B 1 1 ? 1.712   10.292  7.890   1.00 30.37 ? 9   C   B "C5'"  1 
ATOM   201 C "C4'"  . C   B 1 1 ? 1.765   11.242  6.742   1.00 31.26 ? 9   C   B "C4'"  1 
ATOM   202 O "O4'"  . C   B 1 1 ? 3.086   11.281  6.140   1.00 30.11 ? 9   C   B "O4'"  1 
ATOM   203 C "C3'"  . C   B 1 1 ? 1.160   10.666  5.484   1.00 31.53 ? 9   C   B "C3'"  1 
ATOM   204 O "O3'"  . C   B 1 1 ? -0.269  10.590  5.612   1.00 33.39 ? 9   C   B "O3'"  1 
ATOM   205 C "C2'"  . C   B 1 1 ? 1.631   11.689  4.475   1.00 29.87 ? 9   C   B "C2'"  1 
ATOM   206 O "O2'"  . C   B 1 1 ? 1.166   13.040  4.829   1.00 31.17 ? 9   C   B "O2'"  1 
ATOM   207 C "C1'"  . C   B 1 1 ? 3.106   11.640  4.708   1.00 26.26 ? 9   C   B "C1'"  1 
ATOM   208 N N1     . C   B 1 1 ? 3.818   10.560  4.023   1.00 21.81 ? 9   C   B N1     1 
ATOM   209 C C2     . C   B 1 1 ? 4.204   10.782  2.747   1.00 19.11 ? 9   C   B C2     1 
ATOM   210 O O2     . C   B 1 1 ? 3.845   11.806  2.152   1.00 19.54 ? 9   C   B O2     1 
ATOM   211 N N3     . C   B 1 1 ? 4.931   9.851   2.141   1.00 17.98 ? 9   C   B N3     1 
ATOM   212 C C4     . C   B 1 1 ? 5.248   8.738   2.772   1.00 18.14 ? 9   C   B C4     1 
ATOM   213 N N4     . C   B 1 1 ? 5.930   7.752   2.163   1.00 18.68 ? 9   C   B N4     1 
ATOM   214 C C5     . C   B 1 1 ? 4.852   8.490   4.095   1.00 19.44 ? 9   C   B C5     1 
ATOM   215 C C6     . C   B 1 1 ? 4.135   9.435   4.680   1.00 19.79 ? 9   C   B C6     1 
ATOM   216 H "HO2'" . C   B 1 1 ? 0.208   13.033  4.780   1.00 15.00 ? 9   C   B "HO2'" 1 
ATOM   217 H H41    . C   B 1 1 ? 6.129   6.893   2.654   1.00 15.00 ? 9   C   B H41    1 
ATOM   218 H H42    . C   B 1 1 ? 6.242   7.874   1.210   1.00 15.00 ? 9   C   B H42    1 
ATOM   219 H "HO5'" . C   B 1 1 ? 3.402   9.514   7.425   1.00 15.00 ? 9   C   B "HO5'" 1 
ATOM   220 P P      . C   B 1 2 ? -1.364  9.646   4.836   1.00 33.50 ? 10  C   B P      1 
ATOM   221 O OP1    . C   B 1 2 ? -2.627  10.128  5.448   1.00 34.64 ? 10  C   B OP1    1 
ATOM   222 O OP2    . C   B 1 2 ? -0.984  8.184   4.907   1.00 34.01 ? 10  C   B OP2    1 
ATOM   223 O "O5'"  . C   B 1 2 ? -1.323  10.213  3.380   1.00 31.83 ? 10  C   B "O5'"  1 
ATOM   224 C "C5'"  . C   B 1 2 ? -1.820  11.487  3.071   1.00 25.58 ? 10  C   B "C5'"  1 
ATOM   225 C "C4'"  . C   B 1 2 ? -1.455  11.682  1.651   1.00 24.62 ? 10  C   B "C4'"  1 
ATOM   226 O "O4'"  . C   B 1 2 ? -0.064  11.331  1.554   1.00 22.53 ? 10  C   B "O4'"  1 
ATOM   227 C "C3'"  . C   B 1 2 ? -1.859  10.621  0.672   1.00 23.92 ? 10  C   B "C3'"  1 
ATOM   228 O "O3'"  . C   B 1 2 ? -3.210  10.734  0.171   1.00 27.25 ? 10  C   B "O3'"  1 
ATOM   229 C "C2'"  . C   B 1 2 ? -0.978  10.902  -0.428  1.00 22.55 ? 10  C   B "C2'"  1 
ATOM   230 O "O2'"  . C   B 1 2 ? -1.416  12.140  -1.031  1.00 23.38 ? 10  C   B "O2'"  1 
ATOM   231 C "C1'"  . C   B 1 2 ? 0.373   11.060  0.219   1.00 20.27 ? 10  C   B "C1'"  1 
ATOM   232 N N1     . C   B 1 2 ? 1.137   9.825   0.330   1.00 17.56 ? 10  C   B N1     1 
ATOM   233 C C2     . C   B 1 2 ? 1.811   9.457   -0.713  1.00 16.24 ? 10  C   B C2     1 
ATOM   234 O O2     . C   B 1 2 ? 1.679   10.052  -1.788  1.00 19.70 ? 10  C   B O2     1 
ATOM   235 N N3     . C   B 1 2 ? 2.601   8.394   -0.640  1.00 15.09 ? 10  C   B N3     1 
ATOM   236 C C4     . C   B 1 2 ? 2.673   7.753   0.433   1.00 13.13 ? 10  C   B C4     1 
ATOM   237 N N4     . C   B 1 2 ? 3.552   6.778   0.464   1.00 12.24 ? 10  C   B N4     1 
ATOM   238 C C5     . C   B 1 2 ? 1.950   8.088   1.558   1.00 13.39 ? 10  C   B C5     1 
ATOM   239 C C6     . C   B 1 2 ? 1.192   9.140   1.466   1.00 14.46 ? 10  C   B C6     1 
ATOM   240 H "HO2'" . C   B 1 2 ? -1.184  12.877  -0.462  1.00 15.00 ? 10  C   B "HO2'" 1 
ATOM   241 H H41    . C   B 1 2 ? 3.703   6.260   1.318   1.00 15.00 ? 10  C   B H41    1 
ATOM   242 H H42    . C   B 1 2 ? 4.076   6.546   -0.367  1.00 15.00 ? 10  C   B H42    1 
HETATM 243 N N1     . S4C B 1 3 ? -0.721  7.270   -3.576  1.00 15.41 ? 11  S4C B N1     1 
HETATM 244 C C2     . S4C B 1 3 ? 0.130   6.332   -4.034  1.00 12.65 ? 11  S4C B C2     1 
HETATM 245 O O2     . S4C B 1 3 ? 0.343   6.221   -5.251  1.00 14.55 ? 11  S4C B O2     1 
HETATM 246 N N3     . S4C B 1 3 ? 0.741   5.565   -3.136  1.00 11.89 ? 11  S4C B N3     1 
HETATM 247 C "C1'"  . S4C B 1 3 ? -1.312  8.085   -4.659  1.00 18.71 ? 11  S4C B "C1'"  1 
HETATM 248 C C4     . S4C B 1 3 ? 0.531   5.713   -1.838  1.00 11.66 ? 11  S4C B C4     1 
HETATM 249 N N4     . S4C B 1 3 ? 1.123   4.867   -1.011  1.00 11.86 ? 11  S4C B N4     1 
HETATM 250 C C5     . S4C B 1 3 ? -0.331  6.683   -1.341  1.00 12.69 ? 11  S4C B C5     1 
HETATM 251 C C6     . S4C B 1 3 ? -0.957  7.453   -2.236  1.00 13.12 ? 11  S4C B C6     1 
HETATM 252 C "C2'"  . S4C B 1 3 ? -2.663  7.591   -5.152  1.00 21.49 ? 11  S4C B "C2'"  1 
HETATM 253 O "O2'"  . S4C B 1 3 ? -2.948  8.082   -6.421  1.00 20.95 ? 11  S4C B "O2'"  1 
HETATM 254 C "C3'"  . S4C B 1 3 ? -3.710  8.134   -4.224  1.00 24.04 ? 11  S4C B "C3'"  1 
HETATM 255 O "O3'"  . S4C B 1 3 ? -4.962  7.686   -4.643  1.00 24.15 ? 11  S4C B "O3'"  1 
HETATM 256 C "C4'"  . S4C B 1 3 ? -3.659  9.724   -4.138  1.00 22.90 ? 11  S4C B "C4'"  1 
HETATM 257 S "S4'"  . S4C B 1 3 ? -1.832  9.656   -3.887  1.00 24.77 ? 11  S4C B "S4'"  1 
HETATM 258 O OP1    . S4C B 1 3 ? -5.395  9.817   0.065   1.00 28.91 ? 11  S4C B OP1    1 
HETATM 259 C "C5'"  . S4C B 1 3 ? -4.296  10.099  -2.818  1.00 23.24 ? 11  S4C B "C5'"  1 
HETATM 260 O "O5'"  . S4C B 1 3 ? -3.812  9.275   -1.784  1.00 24.17 ? 11  S4C B "O5'"  1 
HETATM 261 O OP2    . S4C B 1 3 ? -3.435  8.239   0.467   1.00 27.23 ? 11  S4C B OP2    1 
HETATM 262 P P      . S4C B 1 3 ? -4.020  9.416   -0.252  1.00 25.58 ? 11  S4C B P      1 
HETATM 263 H H41    . S4C B 1 3 ? 1.076   5.007   -0.024  1.00 15.00 ? 11  S4C B H41    1 
HETATM 264 H H42    . S4C B 1 3 ? 1.626   4.074   -1.387  1.00 15.00 ? 11  S4C B H42    1 
HETATM 265 H "H2'"  . S4C B 1 3 ? -3.816  7.751   -6.673  1.00 15.00 ? 11  S4C B "H2'"  1 
ATOM   266 P P      . C   B 1 4 ? -5.685  6.288   -4.239  1.00 24.41 ? 12  C   B P      1 
ATOM   267 O OP1    . C   B 1 4 ? -7.054  6.478   -4.734  1.00 26.66 ? 12  C   B OP1    1 
ATOM   268 O OP2    . C   B 1 4 ? -5.488  5.781   -2.866  1.00 23.97 ? 12  C   B OP2    1 
ATOM   269 O "O5'"  . C   B 1 4 ? -5.042  5.192   -5.299  1.00 23.69 ? 12  C   B "O5'"  1 
ATOM   270 C "C5'"  . C   B 1 4 ? -5.308  5.213   -6.694  1.00 20.38 ? 12  C   B "C5'"  1 
ATOM   271 C "C4'"  . C   B 1 4 ? -4.318  4.388   -7.415  1.00 20.97 ? 12  C   B "C4'"  1 
ATOM   272 O "O4'"  . C   B 1 4 ? -2.920  4.604   -7.093  1.00 17.80 ? 12  C   B "O4'"  1 
ATOM   273 C "C3'"  . C   B 1 4 ? -4.562  3.029   -6.880  1.00 21.60 ? 12  C   B "C3'"  1 
ATOM   274 O "O3'"  . C   B 1 4 ? -5.721  2.457   -7.524  1.00 25.10 ? 12  C   B "O3'"  1 
ATOM   275 C "C2'"  . C   B 1 4 ? -3.265  2.245   -7.102  1.00 20.00 ? 12  C   B "C2'"  1 
ATOM   276 O "O2'"  . C   B 1 4 ? -3.060  1.788   -8.480  1.00 20.78 ? 12  C   B "O2'"  1 
ATOM   277 C "C1'"  . C   B 1 4 ? -2.194  3.353   -6.802  1.00 18.05 ? 12  C   B "C1'"  1 
ATOM   278 N N1     . C   B 1 4 ? -1.704  3.050   -5.355  1.00 14.40 ? 12  C   B N1     1 
ATOM   279 C C2     . C   B 1 4 ? -0.743  2.070   -5.166  1.00 13.37 ? 12  C   B C2     1 
ATOM   280 O O2     . C   B 1 4 ? -0.323  1.355   -6.089  1.00 16.05 ? 12  C   B O2     1 
ATOM   281 N N3     . C   B 1 4 ? -0.319  1.800   -3.934  1.00 12.26 ? 12  C   B N3     1 
ATOM   282 C C4     . C   B 1 4 ? -0.824  2.440   -2.911  1.00 12.10 ? 12  C   B C4     1 
ATOM   283 N N4     . C   B 1 4 ? -0.414  2.159   -1.705  1.00 12.05 ? 12  C   B N4     1 
ATOM   284 C C5     . C   B 1 4 ? -1.818  3.433   -3.065  1.00 13.31 ? 12  C   B C5     1 
ATOM   285 C C6     . C   B 1 4 ? -2.215  3.702   -4.318  1.00 13.12 ? 12  C   B C6     1 
ATOM   286 H "HO2'" . C   B 1 4 ? -3.806  1.225   -8.703  1.00 15.00 ? 12  C   B "HO2'" 1 
ATOM   287 H H41    . C   B 1 4 ? -0.798  2.646   -0.907  1.00 15.00 ? 12  C   B H41    1 
ATOM   288 H H42    . C   B 1 4 ? 0.294   1.449   -1.564  1.00 15.00 ? 12  C   B H42    1 
ATOM   289 P P      . G   B 1 5 ? -6.507  1.237   -6.685  1.00 25.95 ? 13  G   B P      1 
ATOM   290 O OP1    . G   B 1 5 ? -7.667  0.911   -7.473  1.00 29.48 ? 13  G   B OP1    1 
ATOM   291 O OP2    . G   B 1 5 ? -6.793  1.693   -5.296  1.00 27.70 ? 13  G   B OP2    1 
ATOM   292 O "O5'"  . G   B 1 5 ? -5.723  -0.152  -6.667  1.00 24.74 ? 13  G   B "O5'"  1 
ATOM   293 C "C5'"  . G   B 1 5 ? -5.507  -0.836  -7.854  1.00 23.99 ? 13  G   B "C5'"  1 
ATOM   294 C "C4'"  . G   B 1 5 ? -4.441  -1.837  -7.753  1.00 21.36 ? 13  G   B "C4'"  1 
ATOM   295 O "O4'"  . G   B 1 5 ? -3.225  -1.261  -7.139  1.00 21.13 ? 13  G   B "O4'"  1 
ATOM   296 C "C3'"  . G   B 1 5 ? -4.813  -2.895  -6.778  1.00 20.57 ? 13  G   B "C3'"  1 
ATOM   297 O "O3'"  . G   B 1 5 ? -5.719  -3.951  -7.297  1.00 19.09 ? 13  G   B "O3'"  1 
ATOM   298 C "C2'"  . G   B 1 5 ? -3.413  -3.486  -6.575  1.00 18.19 ? 13  G   B "C2'"  1 
ATOM   299 O "O2'"  . G   B 1 5 ? -3.056  -4.276  -7.717  1.00 18.21 ? 13  G   B "O2'"  1 
ATOM   300 C "C1'"  . G   B 1 5 ? -2.466  -2.252  -6.416  1.00 17.00 ? 13  G   B "C1'"  1 
ATOM   301 N N9     . G   B 1 5 ? -2.332  -1.805  -4.967  1.00 14.63 ? 13  G   B N9     1 
ATOM   302 C C8     . G   B 1 5 ? -2.974  -0.766  -4.264  1.00 12.72 ? 13  G   B C8     1 
ATOM   303 N N7     . G   B 1 5 ? -2.621  -0.678  -3.000  1.00 12.43 ? 13  G   B N7     1 
ATOM   304 C C5     . G   B 1 5 ? -1.671  -1.746  -2.906  1.00 12.20 ? 13  G   B C5     1 
ATOM   305 C C6     . G   B 1 5 ? -0.989  -2.134  -1.812  1.00 10.74 ? 13  G   B C6     1 
ATOM   306 O O6     . G   B 1 5 ? -1.180  -1.591  -0.723  1.00 14.41 ? 13  G   B O6     1 
ATOM   307 N N1     . G   B 1 5 ? -0.170  -3.232  -2.039  1.00 9.95  ? 13  G   B N1     1 
ATOM   308 C C2     . G   B 1 5 ? -0.040  -3.892  -3.193  1.00 7.94  ? 13  G   B C2     1 
ATOM   309 N N2     . G   B 1 5 ? 0.671   -4.988  -3.204  1.00 9.03  ? 13  G   B N2     1 
ATOM   310 N N3     . G   B 1 5 ? -0.684  -3.527  -4.267  1.00 11.10 ? 13  G   B N3     1 
ATOM   311 C C4     . G   B 1 5 ? -1.488  -2.434  -4.044  1.00 11.21 ? 13  G   B C4     1 
ATOM   312 H "HO2'" . G   B 1 5 ? -3.693  -4.991  -7.788  1.00 15.00 ? 13  G   B "HO2'" 1 
ATOM   313 H H1     . G   B 1 5 ? 0.368   -3.547  -1.244  1.00 15.00 ? 13  G   B H1     1 
ATOM   314 H H21    . G   B 1 5 ? 0.724   -5.549  -4.042  1.00 15.00 ? 13  G   B H21    1 
ATOM   315 H H22    . G   B 1 5 ? 1.167   -5.276  -2.374  1.00 15.00 ? 13  G   B H22    1 
ATOM   316 P P      . G   B 1 6 ? -6.615  -4.916  -6.339  1.00 19.29 ? 14  G   B P      1 
ATOM   317 O OP1    . G   B 1 6 ? -7.345  -5.707  -7.329  1.00 19.11 ? 14  G   B OP1    1 
ATOM   318 O OP2    . G   B 1 6 ? -7.152  -4.053  -5.294  1.00 18.12 ? 14  G   B OP2    1 
ATOM   319 O "O5'"  . G   B 1 6 ? -5.715  -6.010  -5.581  1.00 17.91 ? 14  G   B "O5'"  1 
ATOM   320 C "C5'"  . G   B 1 6 ? -5.013  -6.946  -6.388  1.00 15.81 ? 14  G   B "C5'"  1 
ATOM   321 C "C4'"  . G   B 1 6 ? -4.001  -7.773  -5.624  1.00 16.91 ? 14  G   B "C4'"  1 
ATOM   322 O "O4'"  . G   B 1 6 ? -2.919  -6.914  -5.139  1.00 16.77 ? 14  G   B "O4'"  1 
ATOM   323 C "C3'"  . G   B 1 6 ? -4.489  -8.250  -4.287  1.00 16.33 ? 14  G   B "C3'"  1 
ATOM   324 O "O3'"  . G   B 1 6 ? -5.327  -9.365  -4.391  1.00 17.76 ? 14  G   B "O3'"  1 
ATOM   325 C "C2'"  . G   B 1 6 ? -3.238  -8.597  -3.574  1.00 14.02 ? 14  G   B "C2'"  1 
ATOM   326 O "O2'"  . G   B 1 6 ? -2.771  -9.801  -4.164  1.00 13.45 ? 14  G   B "O2'"  1 
ATOM   327 C "C1'"  . G   B 1 6 ? -2.433  -7.398  -3.886  1.00 11.50 ? 14  G   B "C1'"  1 
ATOM   328 N N9     . G   B 1 6 ? -2.716  -6.331  -3.014  1.00 8.99  ? 14  G   B N9     1 
ATOM   329 C C8     . G   B 1 6 ? -3.451  -5.215  -3.160  1.00 6.44  ? 14  G   B C8     1 
ATOM   330 N N7     . G   B 1 6 ? -3.473  -4.523  -2.091  1.00 7.10  ? 14  G   B N7     1 
ATOM   331 C C5     . G   B 1 6 ? -2.703  -5.200  -1.181  1.00 6.43  ? 14  G   B C5     1 
ATOM   332 C C6     . G   B 1 6 ? -2.312  -4.909  0.148   1.00 7.48  ? 14  G   B C6     1 
ATOM   333 O O6     . G   B 1 6 ? -2.499  -3.919  0.812   1.00 8.45  ? 14  G   B O6     1 
ATOM   334 N N1     . G   B 1 6 ? -1.469  -5.854  0.713   1.00 7.52  ? 14  G   B N1     1 
ATOM   335 C C2     . G   B 1 6 ? -1.036  -6.973  0.008   1.00 6.70  ? 14  G   B C2     1 
ATOM   336 N N2     . G   B 1 6 ? -0.173  -7.760  0.609   1.00 8.09  ? 14  G   B N2     1 
ATOM   337 N N3     . G   B 1 6 ? -1.403  -7.266  -1.250  1.00 7.69  ? 14  G   B N3     1 
ATOM   338 C C4     . G   B 1 6 ? -2.239  -6.320  -1.762  1.00 7.35  ? 14  G   B C4     1 
ATOM   339 H "HO2'" . G   B 1 6 ? -1.962  -10.053 -3.713  1.00 15.00 ? 14  G   B "HO2'" 1 
ATOM   340 H H1     . G   B 1 6 ? -1.173  -5.704  1.667   1.00 15.00 ? 14  G   B H1     1 
ATOM   341 H H21    . G   B 1 6 ? 0.184   -8.570  0.125   1.00 15.00 ? 14  G   B H21    1 
ATOM   342 H H22    . G   B 1 6 ? 0.135   -7.557  1.551   1.00 15.00 ? 14  G   B H22    1 
ATOM   343 P P      . G   B 1 7 ? -6.465  -9.741  -3.263  1.00 16.84 ? 15  G   B P      1 
ATOM   344 O OP1    . G   B 1 7 ? -7.206  -10.792 -3.942  1.00 17.88 ? 15  G   B OP1    1 
ATOM   345 O OP2    . G   B 1 7 ? -7.159  -8.534  -2.824  1.00 18.39 ? 15  G   B OP2    1 
ATOM   346 O "O5'"  . G   B 1 7 ? -5.579  -10.272 -2.057  1.00 15.96 ? 15  G   B "O5'"  1 
ATOM   347 C "C5'"  . G   B 1 7 ? -4.797  -11.462 -2.143  1.00 16.47 ? 15  G   B "C5'"  1 
ATOM   348 C "C4'"  . G   B 1 7 ? -3.903  -11.545 -0.975  1.00 17.94 ? 15  G   B "C4'"  1 
ATOM   349 O "O4'"  . G   B 1 7 ? -3.202  -10.303 -0.714  1.00 17.32 ? 15  G   B "O4'"  1 
ATOM   350 C "C3'"  . G   B 1 7 ? -4.709  -11.537 0.314   1.00 19.58 ? 15  G   B "C3'"  1 
ATOM   351 O "O3'"  . G   B 1 7 ? -5.348  -12.829 0.551   1.00 21.70 ? 15  G   B "O3'"  1 
ATOM   352 C "C2'"  . G   B 1 7 ? -3.666  -11.168 1.385   1.00 16.63 ? 15  G   B "C2'"  1 
ATOM   353 O "O2'"  . G   B 1 7 ? -2.647  -12.120 1.634   1.00 16.18 ? 15  G   B "O2'"  1 
ATOM   354 C "C1'"  . G   B 1 7 ? -2.999  -10.047 0.710   1.00 14.71 ? 15  G   B "C1'"  1 
ATOM   355 N N9     . G   B 1 7 ? -3.687  -8.835  1.062   1.00 12.06 ? 15  G   B N9     1 
ATOM   356 C C8     . G   B 1 7 ? -4.516  -8.168  0.282   1.00 9.19  ? 15  G   B C8     1 
ATOM   357 N N7     . G   B 1 7 ? -4.927  -7.084  0.807   1.00 11.19 ? 15  G   B N7     1 
ATOM   358 C C5     . G   B 1 7 ? -4.330  -7.020  2.056   1.00 11.14 ? 15  G   B C5     1 
ATOM   359 C C6     . G   B 1 7 ? -4.435  -6.073  3.077   1.00 10.90 ? 15  G   B C6     1 
ATOM   360 O O6     . G   B 1 7 ? -5.002  -4.988  3.104   1.00 13.15 ? 15  G   B O6     1 
ATOM   361 N N1     . G   B 1 7 ? -3.713  -6.442  4.139   1.00 10.75 ? 15  G   B N1     1 
ATOM   362 C C2     . G   B 1 7 ? -2.968  -7.554  4.217   1.00 11.11 ? 15  G   B C2     1 
ATOM   363 N N2     . G   B 1 7 ? -2.244  -7.748  5.276   1.00 13.36 ? 15  G   B N2     1 
ATOM   364 N N3     . G   B 1 7 ? -2.835  -8.461  3.293   1.00 13.24 ? 15  G   B N3     1 
ATOM   365 C C4     . G   B 1 7 ? -3.569  -8.120  2.209   1.00 11.30 ? 15  G   B C4     1 
ATOM   366 H "HO2'" . G   B 1 7 ? -2.161  -12.263 0.820   1.00 15.00 ? 15  G   B "HO2'" 1 
ATOM   367 H H1     . G   B 1 7 ? -3.745  -5.822  4.936   1.00 15.00 ? 15  G   B H1     1 
ATOM   368 H H21    . G   B 1 7 ? -1.641  -8.556  5.336   1.00 15.00 ? 15  G   B H21    1 
ATOM   369 H H22    . G   B 1 7 ? -2.280  -7.092  6.044   1.00 15.00 ? 15  G   B H22    1 
ATOM   370 P P      . G   B 1 8 ? -6.689  -13.032 1.474   1.00 22.06 ? 16  G   B P      1 
ATOM   371 O OP1    . G   B 1 8 ? -6.855  -14.510 1.415   1.00 23.79 ? 16  G   B OP1    1 
ATOM   372 O OP2    . G   B 1 8 ? -7.707  -12.077 0.999   1.00 23.91 ? 16  G   B OP2    1 
ATOM   373 O "O5'"  . G   B 1 8 ? -6.390  -12.713 2.931   1.00 20.96 ? 16  G   B "O5'"  1 
ATOM   374 C "C5'"  . G   B 1 8 ? -5.384  -13.456 3.562   1.00 18.54 ? 16  G   B "C5'"  1 
ATOM   375 C "C4'"  . G   B 1 8 ? -5.082  -12.865 4.933   1.00 19.09 ? 16  G   B "C4'"  1 
ATOM   376 O "O4'"  . G   B 1 8 ? -4.675  -11.538 4.787   1.00 15.82 ? 16  G   B "O4'"  1 
ATOM   377 C "C3'"  . G   B 1 8 ? -6.356  -12.652 5.802   1.00 18.80 ? 16  G   B "C3'"  1 
ATOM   378 O "O3'"  . G   B 1 8 ? -6.877  -13.837 6.425   1.00 21.73 ? 16  G   B "O3'"  1 
ATOM   379 C "C2'"  . G   B 1 8 ? -5.929  -11.696 6.809   1.00 17.55 ? 16  G   B "C2'"  1 
ATOM   380 O "O2'"  . G   B 1 8 ? -5.128  -12.328 7.849   1.00 20.12 ? 16  G   B "O2'"  1 
ATOM   381 C "C1'"  . G   B 1 8 ? -5.057  -10.726 5.985   1.00 15.90 ? 16  G   B "C1'"  1 
ATOM   382 N N9     . G   B 1 8 ? -5.816  -9.517  5.492   1.00 13.55 ? 16  G   B N9     1 
ATOM   383 C C8     . G   B 1 8 ? -6.434  -9.320  4.262   1.00 12.76 ? 16  G   B C8     1 
ATOM   384 N N7     . G   B 1 8 ? -6.922  -8.127  4.177   1.00 12.86 ? 16  G   B N7     1 
ATOM   385 C C5     . G   B 1 8 ? -6.645  -7.483  5.351   1.00 13.43 ? 16  G   B C5     1 
ATOM   386 C C6     . G   B 1 8 ? -6.936  -6.137  5.818   1.00 15.49 ? 16  G   B C6     1 
ATOM   387 O O6     . G   B 1 8 ? -7.507  -5.194  5.252   1.00 18.07 ? 16  G   B O6     1 
ATOM   388 N N1     . G   B 1 8 ? -6.476  -5.873  7.095   1.00 16.41 ? 16  G   B N1     1 
ATOM   389 C C2     . G   B 1 8 ? -5.816  -6.801  7.827   1.00 15.46 ? 16  G   B C2     1 
ATOM   390 N N2     . G   B 1 8 ? -5.442  -6.392  8.999   1.00 16.99 ? 16  G   B N2     1 
ATOM   391 N N3     . G   B 1 8 ? -5.538  -8.037  7.425   1.00 15.19 ? 16  G   B N3     1 
ATOM   392 C C4     . G   B 1 8 ? -5.975  -8.321  6.169   1.00 13.73 ? 16  G   B C4     1 
ATOM   393 H "HO3'" . G   B 1 8 ? -6.206  -14.174 7.023   1.00 15.00 ? 16  G   B "HO3'" 1 
ATOM   394 H "HO2'" . G   B 1 8 ? -4.325  -12.662 7.440   1.00 15.00 ? 16  G   B "HO2'" 1 
ATOM   395 H H1     . G   B 1 8 ? -6.650  -4.952  7.472   1.00 15.00 ? 16  G   B H1     1 
ATOM   396 H H21    . G   B 1 8 ? -4.924  -7.010  9.604   1.00 15.00 ? 16  G   B H21    1 
ATOM   397 H H22    . G   B 1 8 ? -5.671  -5.456  9.303   1.00 15.00 ? 16  G   B H22    1 
HETATM 398 O O      . HOH C 2 . ? 3.575   4.607   3.596   1.00 20.50 ? 102 HOH A O      1 
HETATM 399 O O      . HOH C 2 . ? 7.403   4.598   3.398   1.00 31.41 ? 103 HOH A O      1 
HETATM 400 O O      . HOH C 2 . ? 2.800   -2.349  5.861   1.00 19.59 ? 104 HOH A O      1 
HETATM 401 O O      . HOH C 2 . ? 1.573   -0.936  3.767   0.84 22.83 ? 105 HOH A O      1 
HETATM 402 O O      . HOH C 2 . ? -8.659  0.636   3.794   1.00 36.66 ? 106 HOH A O      1 
HETATM 403 O O      . HOH C 2 . ? 2.793   1.268   0.592   1.00 25.73 ? 109 HOH A O      1 
HETATM 404 O O      . HOH C 2 . ? 4.444   -1.595  1.388   1.00 36.36 ? 110 HOH A O      1 
HETATM 405 O O      . HOH C 2 . ? -3.761  -0.210  5.284   1.00 44.10 ? 112 HOH A O      1 
HETATM 406 O O      . HOH C 2 . ? -0.203  -0.574  7.520   0.95 17.23 ? 114 HOH A O      1 
HETATM 407 O O      . HOH C 2 . ? 5.158   3.089   -0.305  0.70 42.29 ? 115 HOH A O      1 
HETATM 408 O O      . HOH C 2 . ? -1.358  -0.549  4.882   0.82 34.97 ? 117 HOH A O      1 
HETATM 409 O O      . HOH C 2 . ? 3.452   0.813   9.105   1.00 39.88 ? 118 HOH A O      1 
HETATM 410 O O      . HOH C 2 . ? 0.450   3.327   7.919   0.95 37.37 ? 119 HOH A O      1 
HETATM 411 O O      . HOH C 2 . ? -5.762  -0.304  3.746   0.64 40.00 ? 122 HOH A O      1 
HETATM 412 O O      . HOH C 2 . ? -5.561  -4.445  12.078  0.88 29.91 ? 125 HOH A O      1 
HETATM 413 O O      . HOH C 2 . ? 5.795   -10.104 7.085   0.81 21.52 ? 126 HOH A O      1 
HETATM 414 O O      . HOH C 2 . ? 9.147   -4.039  4.133   0.93 34.36 ? 132 HOH A O      1 
HETATM 415 O O      . HOH C 2 . ? 10.841  -0.967  5.487   0.43 18.08 ? 133 HOH A O      1 
HETATM 416 O O      . HOH C 2 . ? 6.425   -10.638 3.623   0.61 25.37 ? 134 HOH A O      1 
HETATM 417 O O      . HOH C 2 . ? 2.275   -11.310 5.077   1.00 25.17 ? 135 HOH A O      1 
HETATM 418 O O      . HOH C 2 . ? 9.012   1.647   5.448   0.42 29.74 ? 139 HOH A O      1 
HETATM 419 O O      . HOH C 2 . ? 4.275   16.281  -5.549  0.42 32.11 ? 143 HOH A O      1 
HETATM 420 O O      . HOH C 2 . ? 4.276   16.281  -5.550  0.91 31.63 ? 147 HOH A O      1 
HETATM 421 O O      . HOH C 2 . ? 2.556   15.192  -1.730  1.00 31.57 ? 148 HOH A O      1 
HETATM 422 O O      . HOH C 2 . ? 6.966   14.076  -10.245 0.98 49.25 ? 149 HOH A O      1 
HETATM 423 O O      . HOH C 2 . ? 5.382   9.163   -11.422 0.86 25.27 ? 150 HOH A O      1 
HETATM 424 O O      . HOH C 2 . ? 7.046   1.137   -11.493 0.33 17.56 ? 151 HOH A O      1 
HETATM 425 O O      . HOH C 2 . ? 10.963  5.760   -9.754  1.00 25.47 ? 152 HOH A O      1 
HETATM 426 O O      . HOH C 2 . ? -9.573  -1.707  2.133   0.92 48.83 ? 153 HOH A O      1 
HETATM 427 O O      . HOH C 2 . ? 5.843   2.456   2.560   0.83 33.12 ? 160 HOH A O      1 
HETATM 428 O O      . HOH C 2 . ? -5.716  3.429   4.538   0.48 23.51 ? 162 HOH A O      1 
HETATM 429 O O      . HOH C 2 . ? 9.097   0.247   -1.939  0.79 53.01 ? 163 HOH A O      1 
HETATM 430 O O      . HOH C 2 . ? 12.588  8.731   -10.534 0.64 29.76 ? 167 HOH A O      1 
HETATM 431 O O      . HOH C 2 . ? 8.803   0.411   13.059  0.33 40.04 ? 168 HOH A O      1 
HETATM 432 O O      . HOH C 2 . ? -2.525  -6.584  14.870  0.33 45.23 ? 169 HOH A O      1 
HETATM 433 O O      . HOH D 2 . ? 0.277   4.844   1.610   1.00 27.50 ? 101 HOH B O      1 
HETATM 434 O O      . HOH D 2 . ? -4.104  1.661   -1.014  1.00 19.24 ? 107 HOH B O      1 
HETATM 435 O O      . HOH D 2 . ? -5.282  -2.224  -1.694  1.00 22.17 ? 108 HOH B O      1 
HETATM 436 O O      . HOH D 2 . ? -1.737  7.287   2.414   1.00 33.36 ? 111 HOH B O      1 
HETATM 437 O O      . HOH D 2 . ? -2.154  4.263   0.762   1.00 47.48 ? 113 HOH B O      1 
HETATM 438 O O      . HOH D 2 . ? -3.845  5.745   -0.840  1.00 26.26 ? 116 HOH B O      1 
HETATM 439 O O      . HOH D 2 . ? -8.915  -2.649  -0.693  0.90 32.77 ? 120 HOH B O      1 
HETATM 440 O O      . HOH D 2 . ? -5.392  -2.265  1.965   1.00 24.19 ? 121 HOH B O      1 
HETATM 441 O O      . HOH D 2 . ? 1.141   6.827   5.442   1.00 46.40 ? 123 HOH B O      1 
HETATM 442 O O      . HOH D 2 . ? 4.246   6.499   7.991   1.00 33.71 ? 124 HOH B O      1 
HETATM 443 O O      . HOH D 2 . ? -4.001  -11.997 -6.096  0.99 36.97 ? 127 HOH B O      1 
HETATM 444 O O      . HOH D 2 . ? -10.077 2.709   -6.761  1.00 26.71 ? 128 HOH B O      1 
HETATM 445 O O      . HOH D 2 . ? -4.522  -7.731  11.539  0.72 27.47 ? 129 HOH B O      1 
HETATM 446 O O      . HOH D 2 . ? -6.524  -11.613 -6.355  1.00 23.93 ? 130 HOH B O      1 
HETATM 447 O O      . HOH D 2 . ? -0.876  0.985   1.016   1.00 32.50 ? 131 HOH B O      1 
HETATM 448 O O      . HOH D 2 . ? 0.811   -10.400 2.053   1.00 49.80 ? 136 HOH B O      1 
HETATM 449 O O      . HOH D 2 . ? 1.198   -9.899  -1.257  1.00 37.69 ? 137 HOH B O      1 
HETATM 450 O O      . HOH D 2 . ? -10.446 -14.465 0.035   0.78 33.28 ? 138 HOH B O      1 
HETATM 451 O O      . HOH D 2 . ? -8.100  -14.051 -3.377  0.87 34.48 ? 140 HOH B O      1 
HETATM 452 O O      . HOH D 2 . ? -8.630  -7.467  2.303   1.00 27.81 ? 141 HOH B O      1 
HETATM 453 O O      . HOH D 2 . ? -7.085  -5.518  -0.693  1.00 39.01 ? 142 HOH B O      1 
HETATM 454 O O      . HOH D 2 . ? -1.308  -4.021  -10.158 0.33 36.40 ? 144 HOH B O      1 
HETATM 455 O O      . HOH D 2 . ? 0.236   10.204  -7.344  1.00 40.96 ? 145 HOH B O      1 
HETATM 456 O O      . HOH D 2 . ? -4.122  14.121  -6.903  0.99 59.76 ? 146 HOH B O      1 
HETATM 457 O O      . HOH D 2 . ? -11.655 0.324   -2.833  0.71 39.40 ? 154 HOH B O      1 
HETATM 458 O O      . HOH D 2 . ? -13.561 -0.001  -5.495  1.00 39.81 ? 155 HOH B O      1 
HETATM 459 O O      . HOH D 2 . ? 0.009   -5.275  -6.530  1.00 25.06 ? 156 HOH B O      1 
HETATM 460 O O      . HOH D 2 . ? -8.872  -8.650  -6.898  1.00 29.18 ? 157 HOH B O      1 
HETATM 461 O O      . HOH D 2 . ? -4.550  -6.023  -9.640  0.33 32.13 ? 158 HOH B O      1 
HETATM 462 O O      . HOH D 2 . ? -7.005  10.260  -6.066  1.00 41.92 ? 159 HOH B O      1 
HETATM 463 O O      . HOH D 2 . ? -9.697  11.031  1.335   0.60 21.99 ? 161 HOH B O      1 
HETATM 464 O O      . HOH D 2 . ? -2.355  1.908   3.079   0.74 39.97 ? 164 HOH B O      1 
HETATM 465 O O      . HOH D 2 . ? 0.906   11.751  -3.811  0.50 34.84 ? 165 HOH B O      1 
HETATM 466 O O      . HOH D 2 . ? 0.386   2.288   4.373   0.64 37.23 ? 166 HOH B O      1 
# 
loop_
_pdbx_poly_seq_scheme.asym_id 
_pdbx_poly_seq_scheme.entity_id 
_pdbx_poly_seq_scheme.seq_id 
_pdbx_poly_seq_scheme.mon_id 
_pdbx_poly_seq_scheme.ndb_seq_num 
_pdbx_poly_seq_scheme.pdb_seq_num 
_pdbx_poly_seq_scheme.auth_seq_num 
_pdbx_poly_seq_scheme.pdb_mon_id 
_pdbx_poly_seq_scheme.auth_mon_id 
_pdbx_poly_seq_scheme.pdb_strand_id 
_pdbx_poly_seq_scheme.pdb_ins_code 
_pdbx_poly_seq_scheme.hetero 
A 1 1 C   1 1  1  C   C   A . n 
A 1 2 C   2 2  2  C   C   A . n 
A 1 3 S4C 3 3  3  S4C S4C A . n 
A 1 4 C   4 4  4  C   C   A . n 
A 1 5 G   5 5  5  G   G   A . n 
A 1 6 G   6 6  6  G   G   A . n 
A 1 7 G   7 7  7  G   G   A . n 
A 1 8 G   8 8  8  G   G   A . n 
B 1 1 C   1 9  9  C   C   B . n 
B 1 2 C   2 10 10 C   C   B . n 
B 1 3 S4C 3 11 11 S4C S4C B . n 
B 1 4 C   4 12 12 C   C   B . n 
B 1 5 G   5 13 13 G   G   B . n 
B 1 6 G   6 14 14 G   G   B . n 
B 1 7 G   7 15 15 G   G   B . n 
B 1 8 G   8 16 16 G   G   B . n 
# 
loop_
_pdbx_nonpoly_scheme.asym_id 
_pdbx_nonpoly_scheme.entity_id 
_pdbx_nonpoly_scheme.mon_id 
_pdbx_nonpoly_scheme.ndb_seq_num 
_pdbx_nonpoly_scheme.pdb_seq_num 
_pdbx_nonpoly_scheme.auth_seq_num 
_pdbx_nonpoly_scheme.pdb_mon_id 
_pdbx_nonpoly_scheme.auth_mon_id 
_pdbx_nonpoly_scheme.pdb_strand_id 
_pdbx_nonpoly_scheme.pdb_ins_code 
C 2 HOH 1  102 102 HOH HOH A . 
C 2 HOH 2  103 103 HOH HOH A . 
C 2 HOH 3  104 104 HOH HOH A . 
C 2 HOH 4  105 105 HOH HOH A . 
C 2 HOH 5  106 106 HOH HOH A . 
C 2 HOH 6  109 109 HOH HOH A . 
C 2 HOH 7  110 110 HOH HOH A . 
C 2 HOH 8  112 112 HOH HOH A . 
C 2 HOH 9  114 114 HOH HOH A . 
C 2 HOH 10 115 115 HOH HOH A . 
C 2 HOH 11 117 117 HOH HOH A . 
C 2 HOH 12 118 118 HOH HOH A . 
C 2 HOH 13 119 119 HOH HOH A . 
C 2 HOH 14 122 122 HOH HOH A . 
C 2 HOH 15 125 125 HOH HOH A . 
C 2 HOH 16 126 126 HOH HOH A . 
C 2 HOH 17 132 132 HOH HOH A . 
C 2 HOH 18 133 133 HOH HOH A . 
C 2 HOH 19 134 134 HOH HOH A . 
C 2 HOH 20 135 135 HOH HOH A . 
C 2 HOH 21 139 139 HOH HOH A . 
C 2 HOH 22 143 143 HOH HOH A . 
C 2 HOH 23 147 147 HOH HOH A . 
C 2 HOH 24 148 148 HOH HOH A . 
C 2 HOH 25 149 149 HOH HOH A . 
C 2 HOH 26 150 150 HOH HOH A . 
C 2 HOH 27 151 151 HOH HOH A . 
C 2 HOH 28 152 152 HOH HOH A . 
C 2 HOH 29 153 153 HOH HOH A . 
C 2 HOH 30 160 160 HOH HOH A . 
C 2 HOH 31 162 162 HOH HOH A . 
C 2 HOH 32 163 163 HOH HOH A . 
C 2 HOH 33 167 167 HOH HOH A . 
C 2 HOH 34 168 168 HOH HOH A . 
C 2 HOH 35 169 169 HOH HOH A . 
D 2 HOH 1  101 101 HOH HOH B . 
D 2 HOH 2  107 107 HOH HOH B . 
D 2 HOH 3  108 108 HOH HOH B . 
D 2 HOH 4  111 111 HOH HOH B . 
D 2 HOH 5  113 113 HOH HOH B . 
D 2 HOH 6  116 116 HOH HOH B . 
D 2 HOH 7  120 120 HOH HOH B . 
D 2 HOH 8  121 121 HOH HOH B . 
D 2 HOH 9  123 123 HOH HOH B . 
D 2 HOH 10 124 124 HOH HOH B . 
D 2 HOH 11 127 127 HOH HOH B . 
D 2 HOH 12 128 128 HOH HOH B . 
D 2 HOH 13 129 129 HOH HOH B . 
D 2 HOH 14 130 130 HOH HOH B . 
D 2 HOH 15 131 131 HOH HOH B . 
D 2 HOH 16 136 136 HOH HOH B . 
D 2 HOH 17 137 137 HOH HOH B . 
D 2 HOH 18 138 138 HOH HOH B . 
D 2 HOH 19 140 140 HOH HOH B . 
D 2 HOH 20 141 141 HOH HOH B . 
D 2 HOH 21 142 142 HOH HOH B . 
D 2 HOH 22 144 144 HOH HOH B . 
D 2 HOH 23 145 145 HOH HOH B . 
D 2 HOH 24 146 146 HOH HOH B . 
D 2 HOH 25 154 154 HOH HOH B . 
D 2 HOH 26 155 155 HOH HOH B . 
D 2 HOH 27 156 156 HOH HOH B . 
D 2 HOH 28 157 157 HOH HOH B . 
D 2 HOH 29 158 158 HOH HOH B . 
D 2 HOH 30 159 159 HOH HOH B . 
D 2 HOH 31 161 161 HOH HOH B . 
D 2 HOH 32 164 164 HOH HOH B . 
D 2 HOH 33 165 165 HOH HOH B . 
D 2 HOH 34 166 166 HOH HOH B . 
# 
loop_
_pdbx_struct_mod_residue.id 
_pdbx_struct_mod_residue.label_asym_id 
_pdbx_struct_mod_residue.label_comp_id 
_pdbx_struct_mod_residue.label_seq_id 
_pdbx_struct_mod_residue.auth_asym_id 
_pdbx_struct_mod_residue.auth_comp_id 
_pdbx_struct_mod_residue.auth_seq_id 
_pdbx_struct_mod_residue.PDB_ins_code 
_pdbx_struct_mod_residue.parent_comp_id 
_pdbx_struct_mod_residue.details 
1 A S4C 3 A S4C 3  ? C ? 
2 B S4C 3 B S4C 11 ? C ? 
# 
_pdbx_struct_assembly.id                   1 
_pdbx_struct_assembly.details              author_defined_assembly 
_pdbx_struct_assembly.method_details       ? 
_pdbx_struct_assembly.oligomeric_details   dimeric 
_pdbx_struct_assembly.oligomeric_count     2 
# 
_pdbx_struct_assembly_gen.assembly_id       1 
_pdbx_struct_assembly_gen.oper_expression   1 
_pdbx_struct_assembly_gen.asym_id_list      A,B,C,D 
# 
_pdbx_struct_oper_list.id                   1 
_pdbx_struct_oper_list.type                 'identity operation' 
_pdbx_struct_oper_list.name                 1_555 
_pdbx_struct_oper_list.symmetry_operation   x,y,z 
_pdbx_struct_oper_list.matrix[1][1]         1.0000000000 
_pdbx_struct_oper_list.matrix[1][2]         0.0000000000 
_pdbx_struct_oper_list.matrix[1][3]         0.0000000000 
_pdbx_struct_oper_list.vector[1]            0.0000000000 
_pdbx_struct_oper_list.matrix[2][1]         0.0000000000 
_pdbx_struct_oper_list.matrix[2][2]         1.0000000000 
_pdbx_struct_oper_list.matrix[2][3]         0.0000000000 
_pdbx_struct_oper_list.vector[2]            0.0000000000 
_pdbx_struct_oper_list.matrix[3][1]         0.0000000000 
_pdbx_struct_oper_list.matrix[3][2]         0.0000000000 
_pdbx_struct_oper_list.matrix[3][3]         1.0000000000 
_pdbx_struct_oper_list.vector[3]            0.0000000000 
# 
loop_
_pdbx_struct_special_symmetry.id 
_pdbx_struct_special_symmetry.PDB_model_num 
_pdbx_struct_special_symmetry.auth_asym_id 
_pdbx_struct_special_symmetry.auth_comp_id 
_pdbx_struct_special_symmetry.auth_seq_id 
_pdbx_struct_special_symmetry.PDB_ins_code 
_pdbx_struct_special_symmetry.label_asym_id 
_pdbx_struct_special_symmetry.label_comp_id 
_pdbx_struct_special_symmetry.label_seq_id 
1 1 A HOH 151 ? C HOH . 
2 1 A HOH 168 ? C HOH . 
3 1 A HOH 169 ? C HOH . 
4 1 B HOH 144 ? D HOH . 
5 1 B HOH 158 ? D HOH . 
# 
loop_
_pdbx_audit_revision_history.ordinal 
_pdbx_audit_revision_history.data_content_type 
_pdbx_audit_revision_history.major_revision 
_pdbx_audit_revision_history.minor_revision 
_pdbx_audit_revision_history.revision_date 
1 'Structure model' 1 0 2005-08-16 
2 'Structure model' 1 1 2008-04-30 
3 'Structure model' 1 2 2011-07-13 
4 'Structure model' 1 3 2023-08-23 
# 
_pdbx_audit_revision_details.ordinal             1 
_pdbx_audit_revision_details.revision_ordinal    1 
_pdbx_audit_revision_details.data_content_type   'Structure model' 
_pdbx_audit_revision_details.provider            repository 
_pdbx_audit_revision_details.type                'Initial release' 
_pdbx_audit_revision_details.description         ? 
_pdbx_audit_revision_details.details             ? 
# 
loop_
_pdbx_audit_revision_group.ordinal 
_pdbx_audit_revision_group.revision_ordinal 
_pdbx_audit_revision_group.data_content_type 
_pdbx_audit_revision_group.group 
1 2 'Structure model' 'Version format compliance' 
2 3 'Structure model' 'Version format compliance' 
3 4 'Structure model' 'Data collection'           
4 4 'Structure model' 'Database references'       
5 4 'Structure model' 'Derived calculations'      
6 4 'Structure model' 'Refinement description'    
# 
loop_
_pdbx_audit_revision_category.ordinal 
_pdbx_audit_revision_category.revision_ordinal 
_pdbx_audit_revision_category.data_content_type 
_pdbx_audit_revision_category.category 
1 4 'Structure model' chem_comp_atom                
2 4 'Structure model' chem_comp_bond                
3 4 'Structure model' database_2                    
4 4 'Structure model' pdbx_initial_refinement_model 
5 4 'Structure model' struct_conn                   
# 
loop_
_pdbx_audit_revision_item.ordinal 
_pdbx_audit_revision_item.revision_ordinal 
_pdbx_audit_revision_item.data_content_type 
_pdbx_audit_revision_item.item 
1 4 'Structure model' '_database_2.pdbx_DOI'                
2 4 'Structure model' '_database_2.pdbx_database_accession' 
3 4 'Structure model' '_struct_conn.pdbx_leaving_atom_flag' 
# 
loop_
_software.name 
_software.classification 
_software.version 
_software.citation_id 
_software.pdbx_ordinal 
DENZO     'data reduction' . ? 1 
SCALEPACK 'data scaling'   . ? 2 
X-PLOR    'model building' . ? 3 
X-PLOR    refinement       . ? 4 
X-PLOR    phasing          . ? 5 
# 
_pdbx_validate_close_contact.id               1 
_pdbx_validate_close_contact.PDB_model_num    1 
_pdbx_validate_close_contact.auth_atom_id_1   H22 
_pdbx_validate_close_contact.auth_asym_id_1   A 
_pdbx_validate_close_contact.auth_comp_id_1   G 
_pdbx_validate_close_contact.auth_seq_id_1    7 
_pdbx_validate_close_contact.PDB_ins_code_1   ? 
_pdbx_validate_close_contact.label_alt_id_1   ? 
_pdbx_validate_close_contact.auth_atom_id_2   O2 
_pdbx_validate_close_contact.auth_asym_id_2   B 
_pdbx_validate_close_contact.auth_comp_id_2   C 
_pdbx_validate_close_contact.auth_seq_id_2    10 
_pdbx_validate_close_contact.PDB_ins_code_2   ? 
_pdbx_validate_close_contact.label_alt_id_2   ? 
_pdbx_validate_close_contact.dist             1.59 
# 
loop_
_pdbx_validate_rmsd_bond.id 
_pdbx_validate_rmsd_bond.PDB_model_num 
_pdbx_validate_rmsd_bond.auth_atom_id_1 
_pdbx_validate_rmsd_bond.auth_asym_id_1 
_pdbx_validate_rmsd_bond.auth_comp_id_1 
_pdbx_validate_rmsd_bond.auth_seq_id_1 
_pdbx_validate_rmsd_bond.PDB_ins_code_1 
_pdbx_validate_rmsd_bond.label_alt_id_1 
_pdbx_validate_rmsd_bond.auth_atom_id_2 
_pdbx_validate_rmsd_bond.auth_asym_id_2 
_pdbx_validate_rmsd_bond.auth_comp_id_2 
_pdbx_validate_rmsd_bond.auth_seq_id_2 
_pdbx_validate_rmsd_bond.PDB_ins_code_2 
_pdbx_validate_rmsd_bond.label_alt_id_2 
_pdbx_validate_rmsd_bond.bond_value 
_pdbx_validate_rmsd_bond.bond_target_value 
_pdbx_validate_rmsd_bond.bond_deviation 
_pdbx_validate_rmsd_bond.bond_standard_deviation 
_pdbx_validate_rmsd_bond.linker_flag 
1  1 "C4'" A C 1  ? ? "C3'" A C 1  ? ? 1.454 1.521 -0.067 0.010 N 
2  1 "C3'" A C 1  ? ? "C2'" A C 1  ? ? 1.455 1.523 -0.068 0.011 N 
3  1 "C2'" A C 1  ? ? "C1'" A C 1  ? ? 1.471 1.526 -0.055 0.008 N 
4  1 "O4'" A C 2  ? ? "C1'" A C 2  ? ? 1.507 1.415 0.092  0.012 N 
5  1 "C2'" A C 2  ? ? "O2'" A C 2  ? ? 1.502 1.420 0.082  0.010 N 
6  1 N3    A C 2  ? ? C4    A C 2  ? ? 1.291 1.335 -0.044 0.007 N 
7  1 "O5'" A C 4  ? ? "C5'" A C 4  ? ? 1.363 1.420 -0.057 0.009 N 
8  1 "C3'" A G 5  ? ? "C2'" A G 5  ? ? 1.447 1.523 -0.076 0.011 N 
9  1 C4    A G 5  ? ? C5    A G 5  ? ? 1.334 1.379 -0.045 0.007 N 
10 1 C5    A G 5  ? ? C6    A G 5  ? ? 1.343 1.419 -0.076 0.010 N 
11 1 C5    A G 6  ? ? N7    A G 6  ? ? 1.452 1.388 0.064  0.006 N 
12 1 P     A G 7  ? ? "O5'" A G 7  ? ? 1.671 1.593 0.078  0.010 N 
13 1 "C2'" A G 7  ? ? "C1'" A G 7  ? ? 1.444 1.526 -0.082 0.008 N 
14 1 N3    A G 7  ? ? C4    A G 7  ? ? 1.404 1.350 0.054  0.007 N 
15 1 P     A G 8  ? ? "O5'" A G 8  ? ? 1.533 1.593 -0.060 0.010 N 
16 1 "C2'" A G 8  ? ? "C1'" A G 8  ? ? 1.432 1.526 -0.094 0.008 N 
17 1 N1    A G 8  ? ? C2    A G 8  ? ? 1.287 1.373 -0.086 0.008 N 
18 1 C4    A G 8  ? ? C5    A G 8  ? ? 1.317 1.379 -0.062 0.007 N 
19 1 C6    A G 8  ? ? N1    A G 8  ? ? 1.348 1.391 -0.043 0.007 N 
20 1 C5    A G 8  ? ? N7    A G 8  ? ? 1.424 1.388 0.036  0.006 N 
21 1 "C3'" B C 10 ? ? "C2'" B C 10 ? ? 1.437 1.523 -0.086 0.011 N 
22 1 N1    B C 10 ? ? C2    B C 10 ? ? 1.295 1.397 -0.102 0.010 N 
23 1 N1    B C 10 ? ? C6    B C 10 ? ? 1.328 1.367 -0.039 0.006 N 
24 1 N3    B C 10 ? ? C4    B C 10 ? ? 1.252 1.335 -0.083 0.007 N 
25 1 P     B C 12 ? ? "O5'" B C 12 ? ? 1.654 1.593 0.061  0.010 N 
26 1 N1    B C 12 ? ? C6    B C 12 ? ? 1.327 1.367 -0.040 0.006 N 
27 1 "C5'" B G 13 ? ? "C4'" B G 13 ? ? 1.466 1.508 -0.042 0.007 N 
28 1 C5    B G 13 ? ? C6    B G 13 ? ? 1.346 1.419 -0.073 0.010 N 
29 1 C5    B G 13 ? ? N7    B G 13 ? ? 1.433 1.388 0.045  0.006 N 
30 1 "C2'" B G 14 ? ? "C1'" B G 14 ? ? 1.478 1.526 -0.048 0.008 N 
31 1 "C2'" B G 15 ? ? "C1'" B G 15 ? ? 1.469 1.526 -0.057 0.008 N 
32 1 C6    B G 15 ? ? N1    B G 15 ? ? 1.336 1.391 -0.055 0.007 N 
33 1 C8    B G 15 ? ? N9    B G 15 ? ? 1.319 1.374 -0.055 0.007 N 
34 1 P     B G 16 ? ? "O5'" B G 16 ? ? 1.521 1.593 -0.072 0.010 N 
35 1 "C3'" B G 16 ? ? "C2'" B G 16 ? ? 1.453 1.523 -0.070 0.011 N 
36 1 "O4'" B G 16 ? ? "C1'" B G 16 ? ? 1.497 1.415 0.082  0.012 N 
# 
loop_
_pdbx_validate_rmsd_angle.id 
_pdbx_validate_rmsd_angle.PDB_model_num 
_pdbx_validate_rmsd_angle.auth_atom_id_1 
_pdbx_validate_rmsd_angle.auth_asym_id_1 
_pdbx_validate_rmsd_angle.auth_comp_id_1 
_pdbx_validate_rmsd_angle.auth_seq_id_1 
_pdbx_validate_rmsd_angle.PDB_ins_code_1 
_pdbx_validate_rmsd_angle.label_alt_id_1 
_pdbx_validate_rmsd_angle.auth_atom_id_2 
_pdbx_validate_rmsd_angle.auth_asym_id_2 
_pdbx_validate_rmsd_angle.auth_comp_id_2 
_pdbx_validate_rmsd_angle.auth_seq_id_2 
_pdbx_validate_rmsd_angle.PDB_ins_code_2 
_pdbx_validate_rmsd_angle.label_alt_id_2 
_pdbx_validate_rmsd_angle.auth_atom_id_3 
_pdbx_validate_rmsd_angle.auth_asym_id_3 
_pdbx_validate_rmsd_angle.auth_comp_id_3 
_pdbx_validate_rmsd_angle.auth_seq_id_3 
_pdbx_validate_rmsd_angle.PDB_ins_code_3 
_pdbx_validate_rmsd_angle.label_alt_id_3 
_pdbx_validate_rmsd_angle.angle_value 
_pdbx_validate_rmsd_angle.angle_target_value 
_pdbx_validate_rmsd_angle.angle_deviation 
_pdbx_validate_rmsd_angle.angle_standard_deviation 
_pdbx_validate_rmsd_angle.linker_flag 
1  1 "O4'" A C   1  ? ? "C4'" A C   1  ? ? "C3'" A C 1  ? ? 95.95  104.00 -8.05  1.00 N 
2  1 "C1'" A C   1  ? ? "O4'" A C   1  ? ? "C4'" A C 1  ? ? 116.54 109.90 6.64   0.80 N 
3  1 "O4'" A C   1  ? ? "C1'" A C   1  ? ? "C2'" A C 1  ? ? 98.83  105.80 -6.97  1.00 N 
4  1 N1    A C   1  ? ? C2    A C   1  ? ? O2    A C 1  ? ? 122.54 118.90 3.64   0.60 N 
5  1 N3    A C   1  ? ? C2    A C   1  ? ? O2    A C 1  ? ? 116.73 121.90 -5.17  0.70 N 
6  1 "O4'" A C   2  ? ? "C4'" A C   2  ? ? "C3'" A C 2  ? ? 96.31  104.00 -7.69  1.00 N 
7  1 N1    A C   2  ? ? C2    A C   2  ? ? O2    A C 2  ? ? 123.35 118.90 4.45   0.60 N 
8  1 "O3'" A S4C 3  ? ? P     A C   4  ? ? OP2   A C 4  ? ? 123.61 110.50 13.11  1.10 Y 
9  1 "O4'" A G   5  ? ? "C4'" A G   5  ? ? "C3'" A G 5  ? ? 96.63  104.00 -7.37  1.00 N 
10 1 "O4'" A G   5  ? ? "C1'" A G   5  ? ? N9    A G 5  ? ? 102.94 108.20 -5.26  0.80 N 
11 1 N1    A G   5  ? ? C6    A G   5  ? ? O6    A G 5  ? ? 125.36 119.90 5.46   0.60 N 
12 1 C5    A G   5  ? ? C6    A G   5  ? ? O6    A G 5  ? ? 123.47 128.60 -5.13  0.60 N 
13 1 "O4'" A G   6  ? ? "C4'" A G   6  ? ? "C3'" A G 6  ? ? 96.86  104.00 -7.14  1.00 N 
14 1 "C1'" A G   6  ? ? "O4'" A G   6  ? ? "C4'" A G 6  ? ? 114.96 109.90 5.06   0.80 N 
15 1 "O4'" A G   6  ? ? "C1'" A G   6  ? ? "C2'" A G 6  ? ? 99.02  105.80 -6.78  1.00 N 
16 1 C5    A G   6  ? ? N7    A G   6  ? ? C8    A G 6  ? ? 99.67  104.30 -4.63  0.50 N 
17 1 "C3'" A G   6  ? ? "O3'" A G   6  ? ? P     A G 7  ? ? 128.40 119.70 8.70   1.20 Y 
18 1 "O4'" A G   7  ? ? "C4'" A G   7  ? ? "C3'" A G 7  ? ? 94.00  104.00 -10.00 1.00 N 
19 1 "C1'" A G   7  ? ? "O4'" A G   7  ? ? "C4'" A G 7  ? ? 115.71 109.90 5.81   0.80 N 
20 1 N9    A G   7  ? ? "C1'" A G   7  ? ? "C2'" A G 7  ? ? 101.56 112.00 -10.44 1.10 N 
21 1 "O4'" A G   7  ? ? "C1'" A G   7  ? ? N9    A G 7  ? ? 114.03 108.50 5.53   0.70 N 
22 1 C5    A G   7  ? ? N7    A G   7  ? ? C8    A G 7  ? ? 101.24 104.30 -3.06  0.50 N 
23 1 N3    A G   7  ? ? C2    A G   7  ? ? N2    A G 7  ? ? 124.19 119.90 4.29   0.70 N 
24 1 C5    A G   7  ? ? C6    A G   7  ? ? O6    A G 7  ? ? 123.89 128.60 -4.71  0.60 N 
25 1 "O4'" A G   8  ? ? "C4'" A G   8  ? ? "C3'" A G 8  ? ? 95.50  104.00 -8.50  1.00 N 
26 1 "C5'" A G   8  ? ? "C4'" A G   8  ? ? "O4'" A G 8  ? ? 117.30 109.80 7.50   0.90 N 
27 1 "C1'" A G   8  ? ? "O4'" A G   8  ? ? "C4'" A G 8  ? ? 115.66 109.90 5.76   0.80 N 
28 1 "O4'" B C   9  ? ? "C4'" B C   9  ? ? "C3'" B C 9  ? ? 91.70  104.00 -12.30 1.00 N 
29 1 "C1'" B C   9  ? ? "O4'" B C   9  ? ? "C4'" B C 9  ? ? 114.86 109.90 4.96   0.80 N 
30 1 "O4'" B C   9  ? ? "C1'" B C   9  ? ? "C2'" B C 9  ? ? 98.40  105.80 -7.40  1.00 N 
31 1 "C3'" B C   9  ? ? "O3'" B C   9  ? ? P     B C 10 ? ? 130.71 119.70 11.01  1.20 Y 
32 1 "O5'" B C   10 ? ? "C5'" B C   10 ? ? "C4'" B C 10 ? ? 104.14 109.40 -5.26  0.80 N 
33 1 "O4'" B C   10 ? ? "C4'" B C   10 ? ? "C3'" B C 10 ? ? 92.51  104.00 -11.49 1.00 N 
34 1 "O4'" B C   10 ? ? "C1'" B C   10 ? ? "C2'" B C 10 ? ? 98.47  105.80 -7.33  1.00 N 
35 1 "C3'" B S4C 11 ? ? "O3'" B S4C 11 ? ? P     B C 12 ? ? 126.94 119.70 7.24   1.20 Y 
36 1 "O3'" B S4C 11 ? ? P     B C   12 ? ? OP2   B C 12 ? ? 117.84 110.50 7.34   1.10 Y 
37 1 "C5'" B C   12 ? ? "C4'" B C   12 ? ? "C3'" B C 12 ? ? 103.08 115.20 -12.12 1.40 N 
38 1 "C5'" B C   12 ? ? "C4'" B C   12 ? ? "O4'" B C 12 ? ? 117.00 109.80 7.20   0.90 N 
39 1 N1    B C   12 ? ? "C1'" B C   12 ? ? "C2'" B C 12 ? ? 104.75 112.00 -7.25  1.10 N 
40 1 "O4'" B C   12 ? ? "C1'" B C   12 ? ? N1    B C 12 ? ? 120.21 108.50 11.71  0.70 N 
41 1 N1    B C   12 ? ? C2    B C   12 ? ? O2    B C 12 ? ? 122.73 118.90 3.83   0.60 N 
42 1 N3    B C   12 ? ? C2    B C   12 ? ? O2    B C 12 ? ? 117.63 121.90 -4.27  0.70 N 
43 1 C4    B G   13 ? ? C5    B G   13 ? ? N7    B G 13 ? ? 114.64 110.80 3.84   0.40 N 
44 1 C5    B G   13 ? ? N7    B G   13 ? ? C8    B G 13 ? ? 101.03 104.30 -3.27  0.50 N 
45 1 N1    B G   13 ? ? C6    B G   13 ? ? O6    B G 13 ? ? 125.81 119.90 5.91   0.60 N 
46 1 C5    B G   13 ? ? C6    B G   13 ? ? O6    B G 13 ? ? 120.79 128.60 -7.81  0.60 N 
47 1 "O4'" B G   14 ? ? "C4'" B G   14 ? ? "C3'" B G 14 ? ? 97.53  104.00 -6.47  1.00 N 
48 1 "O4'" B G   14 ? ? "C1'" B G   14 ? ? N9    B G 14 ? ? 102.56 108.20 -5.64  0.80 N 
49 1 N1    B G   14 ? ? C6    B G   14 ? ? O6    B G 14 ? ? 115.42 119.90 -4.48  0.60 N 
50 1 "O4'" B G   15 ? ? "C4'" B G   15 ? ? "C3'" B G 15 ? ? 95.70  104.00 -8.30  1.00 N 
51 1 C4    B G   15 ? ? C5    B G   15 ? ? N7    B G 15 ? ? 107.96 110.80 -2.84  0.40 N 
52 1 N3    B G   15 ? ? C2    B G   15 ? ? N2    B G 15 ? ? 114.76 119.90 -5.14  0.70 N 
53 1 C5    B G   16 ? ? N7    B G   16 ? ? C8    B G 16 ? ? 107.56 104.30 3.26   0.50 N 
54 1 N1    B G   16 ? ? C6    B G   16 ? ? O6    B G 16 ? ? 115.43 119.90 -4.47  0.60 N 
# 
_pdbx_validate_planes.id              1 
_pdbx_validate_planes.PDB_model_num   1 
_pdbx_validate_planes.auth_comp_id    G 
_pdbx_validate_planes.auth_asym_id    A 
_pdbx_validate_planes.auth_seq_id     8 
_pdbx_validate_planes.PDB_ins_code    ? 
_pdbx_validate_planes.label_alt_id    ? 
_pdbx_validate_planes.rmsd            0.053 
_pdbx_validate_planes.type            'SIDE CHAIN' 
# 
loop_
_chem_comp_atom.comp_id 
_chem_comp_atom.atom_id 
_chem_comp_atom.type_symbol 
_chem_comp_atom.pdbx_aromatic_flag 
_chem_comp_atom.pdbx_stereo_config 
_chem_comp_atom.pdbx_ordinal 
C   OP3    O N N 1   
C   P      P N N 2   
C   OP1    O N N 3   
C   OP2    O N N 4   
C   "O5'"  O N N 5   
C   "C5'"  C N N 6   
C   "C4'"  C N R 7   
C   "O4'"  O N N 8   
C   "C3'"  C N S 9   
C   "O3'"  O N N 10  
C   "C2'"  C N R 11  
C   "O2'"  O N N 12  
C   "C1'"  C N R 13  
C   N1     N N N 14  
C   C2     C N N 15  
C   O2     O N N 16  
C   N3     N N N 17  
C   C4     C N N 18  
C   N4     N N N 19  
C   C5     C N N 20  
C   C6     C N N 21  
C   HOP3   H N N 22  
C   HOP2   H N N 23  
C   "H5'"  H N N 24  
C   "H5''" H N N 25  
C   "H4'"  H N N 26  
C   "H3'"  H N N 27  
C   "HO3'" H N N 28  
C   "H2'"  H N N 29  
C   "HO2'" H N N 30  
C   "H1'"  H N N 31  
C   H41    H N N 32  
C   H42    H N N 33  
C   H5     H N N 34  
C   H6     H N N 35  
G   OP3    O N N 36  
G   P      P N N 37  
G   OP1    O N N 38  
G   OP2    O N N 39  
G   "O5'"  O N N 40  
G   "C5'"  C N N 41  
G   "C4'"  C N R 42  
G   "O4'"  O N N 43  
G   "C3'"  C N S 44  
G   "O3'"  O N N 45  
G   "C2'"  C N R 46  
G   "O2'"  O N N 47  
G   "C1'"  C N R 48  
G   N9     N Y N 49  
G   C8     C Y N 50  
G   N7     N Y N 51  
G   C5     C Y N 52  
G   C6     C N N 53  
G   O6     O N N 54  
G   N1     N N N 55  
G   C2     C N N 56  
G   N2     N N N 57  
G   N3     N N N 58  
G   C4     C Y N 59  
G   HOP3   H N N 60  
G   HOP2   H N N 61  
G   "H5'"  H N N 62  
G   "H5''" H N N 63  
G   "H4'"  H N N 64  
G   "H3'"  H N N 65  
G   "HO3'" H N N 66  
G   "H2'"  H N N 67  
G   "HO2'" H N N 68  
G   "H1'"  H N N 69  
G   H8     H N N 70  
G   H1     H N N 71  
G   H21    H N N 72  
G   H22    H N N 73  
HOH O      O N N 74  
HOH H1     H N N 75  
HOH H2     H N N 76  
S4C N1     N N N 77  
S4C C2     C N N 78  
S4C O2     O N N 79  
S4C N3     N N N 80  
S4C "C1'"  C N R 81  
S4C C4     C N N 82  
S4C N4     N N N 83  
S4C C5     C N N 84  
S4C C6     C N N 85  
S4C "C2'"  C N R 86  
S4C "O2'"  O N N 87  
S4C "C3'"  C N S 88  
S4C "O3'"  O N N 89  
S4C "C4'"  C N R 90  
S4C "S4'"  S N N 91  
S4C OP1    O N N 92  
S4C "C5'"  C N N 93  
S4C "O5'"  O N N 94  
S4C OP2    O N N 95  
S4C P      P N N 96  
S4C OP3    O N N 97  
S4C "H1'"  H N N 98  
S4C H41    H N N 99  
S4C H42    H N N 100 
S4C H5     H N N 101 
S4C H6     H N N 102 
S4C H1     H N N 103 
S4C "H2'"  H N N 104 
S4C "H3'"  H N N 105 
S4C H2     H N N 106 
S4C "H4'"  H N N 107 
S4C H1P    H N N 108 
S4C "H5'"  H N N 109 
S4C "H5''" H N N 110 
S4C H2P    H N N 111 
# 
loop_
_chem_comp_bond.comp_id 
_chem_comp_bond.atom_id_1 
_chem_comp_bond.atom_id_2 
_chem_comp_bond.value_order 
_chem_comp_bond.pdbx_aromatic_flag 
_chem_comp_bond.pdbx_stereo_config 
_chem_comp_bond.pdbx_ordinal 
C   OP3   P      sing N N 1   
C   OP3   HOP3   sing N N 2   
C   P     OP1    doub N N 3   
C   P     OP2    sing N N 4   
C   P     "O5'"  sing N N 5   
C   OP2   HOP2   sing N N 6   
C   "O5'" "C5'"  sing N N 7   
C   "C5'" "C4'"  sing N N 8   
C   "C5'" "H5'"  sing N N 9   
C   "C5'" "H5''" sing N N 10  
C   "C4'" "O4'"  sing N N 11  
C   "C4'" "C3'"  sing N N 12  
C   "C4'" "H4'"  sing N N 13  
C   "O4'" "C1'"  sing N N 14  
C   "C3'" "O3'"  sing N N 15  
C   "C3'" "C2'"  sing N N 16  
C   "C3'" "H3'"  sing N N 17  
C   "O3'" "HO3'" sing N N 18  
C   "C2'" "O2'"  sing N N 19  
C   "C2'" "C1'"  sing N N 20  
C   "C2'" "H2'"  sing N N 21  
C   "O2'" "HO2'" sing N N 22  
C   "C1'" N1     sing N N 23  
C   "C1'" "H1'"  sing N N 24  
C   N1    C2     sing N N 25  
C   N1    C6     sing N N 26  
C   C2    O2     doub N N 27  
C   C2    N3     sing N N 28  
C   N3    C4     doub N N 29  
C   C4    N4     sing N N 30  
C   C4    C5     sing N N 31  
C   N4    H41    sing N N 32  
C   N4    H42    sing N N 33  
C   C5    C6     doub N N 34  
C   C5    H5     sing N N 35  
C   C6    H6     sing N N 36  
G   OP3   P      sing N N 37  
G   OP3   HOP3   sing N N 38  
G   P     OP1    doub N N 39  
G   P     OP2    sing N N 40  
G   P     "O5'"  sing N N 41  
G   OP2   HOP2   sing N N 42  
G   "O5'" "C5'"  sing N N 43  
G   "C5'" "C4'"  sing N N 44  
G   "C5'" "H5'"  sing N N 45  
G   "C5'" "H5''" sing N N 46  
G   "C4'" "O4'"  sing N N 47  
G   "C4'" "C3'"  sing N N 48  
G   "C4'" "H4'"  sing N N 49  
G   "O4'" "C1'"  sing N N 50  
G   "C3'" "O3'"  sing N N 51  
G   "C3'" "C2'"  sing N N 52  
G   "C3'" "H3'"  sing N N 53  
G   "O3'" "HO3'" sing N N 54  
G   "C2'" "O2'"  sing N N 55  
G   "C2'" "C1'"  sing N N 56  
G   "C2'" "H2'"  sing N N 57  
G   "O2'" "HO2'" sing N N 58  
G   "C1'" N9     sing N N 59  
G   "C1'" "H1'"  sing N N 60  
G   N9    C8     sing Y N 61  
G   N9    C4     sing Y N 62  
G   C8    N7     doub Y N 63  
G   C8    H8     sing N N 64  
G   N7    C5     sing Y N 65  
G   C5    C6     sing N N 66  
G   C5    C4     doub Y N 67  
G   C6    O6     doub N N 68  
G   C6    N1     sing N N 69  
G   N1    C2     sing N N 70  
G   N1    H1     sing N N 71  
G   C2    N2     sing N N 72  
G   C2    N3     doub N N 73  
G   N2    H21    sing N N 74  
G   N2    H22    sing N N 75  
G   N3    C4     sing N N 76  
HOH O     H1     sing N N 77  
HOH O     H2     sing N N 78  
S4C N1    C2     sing N N 79  
S4C N1    "C1'"  sing N N 80  
S4C N1    C6     sing N N 81  
S4C C2    O2     doub N N 82  
S4C C2    N3     sing N N 83  
S4C N3    C4     doub N N 84  
S4C "C1'" "C2'"  sing N N 85  
S4C "C1'" "S4'"  sing N N 86  
S4C "C1'" "H1'"  sing N N 87  
S4C C4    N4     sing N N 88  
S4C C4    C5     sing N N 89  
S4C N4    H41    sing N N 90  
S4C N4    H42    sing N N 91  
S4C C5    C6     doub N N 92  
S4C C5    H5     sing N N 93  
S4C C6    H6     sing N N 94  
S4C "C2'" "O2'"  sing N N 95  
S4C "C2'" "C3'"  sing N N 96  
S4C "C2'" H1     sing N N 97  
S4C "O2'" "H2'"  sing N N 98  
S4C "C3'" "O3'"  sing N N 99  
S4C "C3'" "C4'"  sing N N 100 
S4C "C3'" "H3'"  sing N N 101 
S4C "O3'" H2     sing N N 102 
S4C "C4'" "S4'"  sing N N 103 
S4C "C4'" "C5'"  sing N N 104 
S4C "C4'" "H4'"  sing N N 105 
S4C OP1   P      sing N N 106 
S4C OP1   H1P    sing N N 107 
S4C "C5'" "O5'"  sing N N 108 
S4C "C5'" "H5'"  sing N N 109 
S4C "C5'" "H5''" sing N N 110 
S4C "O5'" P      sing N N 111 
S4C OP2   P      sing N N 112 
S4C OP2   H2P    sing N N 113 
S4C P     OP3    doub N N 114 
# 
_ndb_struct_conf_na.entry_id   2A0P 
_ndb_struct_conf_na.feature    'a-form double helix' 
# 
loop_
_ndb_struct_na_base_pair.model_number 
_ndb_struct_na_base_pair.i_label_asym_id 
_ndb_struct_na_base_pair.i_label_comp_id 
_ndb_struct_na_base_pair.i_label_seq_id 
_ndb_struct_na_base_pair.i_symmetry 
_ndb_struct_na_base_pair.j_label_asym_id 
_ndb_struct_na_base_pair.j_label_comp_id 
_ndb_struct_na_base_pair.j_label_seq_id 
_ndb_struct_na_base_pair.j_symmetry 
_ndb_struct_na_base_pair.shear 
_ndb_struct_na_base_pair.stretch 
_ndb_struct_na_base_pair.stagger 
_ndb_struct_na_base_pair.buckle 
_ndb_struct_na_base_pair.propeller 
_ndb_struct_na_base_pair.opening 
_ndb_struct_na_base_pair.pair_number 
_ndb_struct_na_base_pair.pair_name 
_ndb_struct_na_base_pair.i_auth_asym_id 
_ndb_struct_na_base_pair.i_auth_seq_id 
_ndb_struct_na_base_pair.i_PDB_ins_code 
_ndb_struct_na_base_pair.j_auth_asym_id 
_ndb_struct_na_base_pair.j_auth_seq_id 
_ndb_struct_na_base_pair.j_PDB_ins_code 
_ndb_struct_na_base_pair.hbond_type_28 
_ndb_struct_na_base_pair.hbond_type_12 
1 A C   1 1_555 B G   8 1_555 0.384  -0.159 -0.236 10.692  -9.499  -0.714 1 A_C1:G16_B   A 1 ? B 16 ? 19 1 
1 A C   2 1_555 B G   7 1_555 0.081  -0.009 -0.255 12.000  -17.211 0.168  2 A_C2:G15_B   A 2 ? B 15 ? 19 1 
1 A S4C 3 1_555 B G   6 1_555 0.253  -0.111 -0.289 8.742   -10.875 -0.356 3 A_S4C3:G14_B A 3 ? B 14 ? 19 1 
1 A C   4 1_555 B G   5 1_555 0.266  -0.329 -0.003 -0.225  -8.800  -2.412 4 A_C4:G13_B   A 4 ? B 13 ? 19 1 
1 A G   5 1_555 B C   4 1_555 -0.278 -0.201 -0.175 -3.819  -9.228  -1.357 5 A_G5:C12_B   A 5 ? B 12 ? 19 1 
1 A G   6 1_555 B S4C 3 1_555 -0.366 -0.238 0.013  -2.862  -9.858  0.222  6 A_G6:S4C11_B A 6 ? B 11 ? 19 1 
1 A G   7 1_555 B C   2 1_555 -0.064 -0.347 -0.319 -12.421 -15.248 -2.709 7 A_G7:C10_B   A 7 ? B 10 ? 19 1 
1 A G   8 1_555 B C   1 1_555 0.064  -0.281 -0.218 -10.875 -11.068 -0.209 8 A_G8:C9_B    A 8 ? B 9  ? 19 1 
# 
loop_
_ndb_struct_na_base_pair_step.model_number 
_ndb_struct_na_base_pair_step.i_label_asym_id_1 
_ndb_struct_na_base_pair_step.i_label_comp_id_1 
_ndb_struct_na_base_pair_step.i_label_seq_id_1 
_ndb_struct_na_base_pair_step.i_symmetry_1 
_ndb_struct_na_base_pair_step.j_label_asym_id_1 
_ndb_struct_na_base_pair_step.j_label_comp_id_1 
_ndb_struct_na_base_pair_step.j_label_seq_id_1 
_ndb_struct_na_base_pair_step.j_symmetry_1 
_ndb_struct_na_base_pair_step.i_label_asym_id_2 
_ndb_struct_na_base_pair_step.i_label_comp_id_2 
_ndb_struct_na_base_pair_step.i_label_seq_id_2 
_ndb_struct_na_base_pair_step.i_symmetry_2 
_ndb_struct_na_base_pair_step.j_label_asym_id_2 
_ndb_struct_na_base_pair_step.j_label_comp_id_2 
_ndb_struct_na_base_pair_step.j_label_seq_id_2 
_ndb_struct_na_base_pair_step.j_symmetry_2 
_ndb_struct_na_base_pair_step.shift 
_ndb_struct_na_base_pair_step.slide 
_ndb_struct_na_base_pair_step.rise 
_ndb_struct_na_base_pair_step.tilt 
_ndb_struct_na_base_pair_step.roll 
_ndb_struct_na_base_pair_step.twist 
_ndb_struct_na_base_pair_step.x_displacement 
_ndb_struct_na_base_pair_step.y_displacement 
_ndb_struct_na_base_pair_step.helical_rise 
_ndb_struct_na_base_pair_step.inclination 
_ndb_struct_na_base_pair_step.tip 
_ndb_struct_na_base_pair_step.helical_twist 
_ndb_struct_na_base_pair_step.step_number 
_ndb_struct_na_base_pair_step.step_name 
_ndb_struct_na_base_pair_step.i_auth_asym_id_1 
_ndb_struct_na_base_pair_step.i_auth_seq_id_1 
_ndb_struct_na_base_pair_step.i_PDB_ins_code_1 
_ndb_struct_na_base_pair_step.j_auth_asym_id_1 
_ndb_struct_na_base_pair_step.j_auth_seq_id_1 
_ndb_struct_na_base_pair_step.j_PDB_ins_code_1 
_ndb_struct_na_base_pair_step.i_auth_asym_id_2 
_ndb_struct_na_base_pair_step.i_auth_seq_id_2 
_ndb_struct_na_base_pair_step.i_PDB_ins_code_2 
_ndb_struct_na_base_pair_step.j_auth_asym_id_2 
_ndb_struct_na_base_pair_step.j_auth_seq_id_2 
_ndb_struct_na_base_pair_step.j_PDB_ins_code_2 
1 A C   1 1_555 B G   8 1_555 A C   2 1_555 B G   7 1_555 -0.253 -1.669 3.248 -2.846 7.630  28.856 -4.699 -0.059 2.738 14.940 
5.573  29.960 1 AA_C1C2:G15G16_BB   A 1 ? B 16 ? A 2 ? B 15 ? 
1 A C   2 1_555 B G   7 1_555 A S4C 3 1_555 B G   6 1_555 -0.359 -1.858 3.442 -0.560 5.922  34.968 -3.927 0.506  3.101 9.768  
0.924  35.455 2 AA_C2S4C3:G14G15_BB A 2 ? B 15 ? A 3 ? B 14 ? 
1 A S4C 3 1_555 B G   6 1_555 A C   4 1_555 B G   5 1_555 0.263  -1.761 3.363 -2.177 10.435 32.236 -4.604 -0.782 2.658 18.183 
3.793  33.909 3 AA_S4C3C4:G13G14_BB A 3 ? B 14 ? A 4 ? B 13 ? 
1 A C   4 1_555 B G   5 1_555 A G   5 1_555 B C   4 1_555 -0.205 -2.122 3.328 -0.556 10.141 26.772 -6.373 0.301  2.384 20.968 
1.150  28.601 4 AA_C4G5:C12G13_BB   A 4 ? B 13 ? A 5 ? B 12 ? 
1 A G   5 1_555 B C   4 1_555 A G   6 1_555 B S4C 3 1_555 0.103  -1.998 3.194 -0.674 6.115  28.170 -5.260 -0.344 2.705 12.376 
1.365  28.821 5 AA_G5G6:S4C11C12_BB A 5 ? B 12 ? A 6 ? B 11 ? 
1 A G   6 1_555 B S4C 3 1_555 A G   7 1_555 B C   2 1_555 0.244  -1.904 3.470 3.627  9.963  36.101 -4.243 0.089  2.873 15.666 
-5.703 37.576 6 AA_G6G7:C10S4C11_BB A 6 ? B 11 ? A 7 ? B 10 ? 
1 A G   7 1_555 B C   2 1_555 A G   8 1_555 B C   1 1_555 0.049  -1.736 3.244 1.933  8.326  31.754 -4.390 0.219  2.712 14.882 
-3.455 32.856 7 AA_G7G8:C9C10_BB    A 7 ? B 10 ? A 8 ? B 9  ? 
# 
_pdbx_entity_nonpoly.entity_id   2 
_pdbx_entity_nonpoly.name        water 
_pdbx_entity_nonpoly.comp_id     HOH 
# 
_pdbx_initial_refinement_model.id               1 
_pdbx_initial_refinement_model.entity_id_list   ? 
_pdbx_initial_refinement_model.type             'experimental model' 
_pdbx_initial_refinement_model.source_name      PDB 
_pdbx_initial_refinement_model.accession_code   259D 
_pdbx_initial_refinement_model.details          ? 
# 
